data_6UYK
#
_entry.id   6UYK
#
_cell.length_a   92.513
_cell.length_b   100.918
_cell.length_c   117.789
_cell.angle_alpha   90.000
_cell.angle_beta   99.270
_cell.angle_gamma   90.000
#
_symmetry.space_group_name_H-M   'I 1 2 1'
#
loop_
_entity.id
_entity.type
_entity.pdbx_description
1 polymer 'Light-independent protochlorophyllide reductase iron-sulfur ATP-binding protein'
2 non-polymer 'IRON/SULFUR CLUSTER'
3 non-polymer 'CHLORIDE ION'
4 water water
#
_entity_poly.entity_id   1
_entity_poly.type   'polypeptide(L)'
_entity_poly.pdbx_seq_one_letter_code
;MGSSHHHHHHSQDPENLYFQSMSPKDLTIPTGADGEGSVQVHLDEADKITGAKVFAVYGKGGIGKSTTSSNLSAAFSILG
KRVLQIGCDPKHDSTFTLTGSLVPTVIDVLKDVDFHPEELRPEDFVFEGFNGVMCVEAGGPPAGTGCGGYVVGQTVKLLK
QHHLLDDTDVVIFDVLGDVVCGGFAAPLQHADQAVVVTANDFDSIYAMNRIIAAVQAKSKNYKVRLAGCVANRSRATDEV
DRFCKETNFRRLAHMPDLDAIRRSRLKKKTLFEMDEDQDVLAARAEYIRLAESLWRGLDPIDPHSLPDREIFELLGFD
;
_entity_poly.pdbx_strand_id   A,B,C,D
#
loop_
_chem_comp.id
_chem_comp.type
_chem_comp.name
_chem_comp.formula
CL non-polymer 'CHLORIDE ION' 'Cl -1'
SF4 non-polymer 'IRON/SULFUR CLUSTER' 'Fe4 S4'
#
# COMPACT_ATOMS: atom_id res chain seq x y z
N GLY A 51 -16.54 42.74 -9.49
CA GLY A 51 -17.86 42.46 -10.04
C GLY A 51 -17.87 41.28 -11.00
N ALA A 52 -17.34 40.15 -10.53
CA ALA A 52 -17.28 38.93 -11.34
C ALA A 52 -17.58 37.74 -10.45
N LYS A 53 -17.86 36.60 -11.09
CA LYS A 53 -18.10 35.37 -10.35
C LYS A 53 -16.82 34.94 -9.65
N VAL A 54 -16.94 34.57 -8.37
CA VAL A 54 -15.79 34.17 -7.57
C VAL A 54 -16.21 33.03 -6.65
N PHE A 55 -15.38 31.99 -6.60
CA PHE A 55 -15.65 30.81 -5.78
C PHE A 55 -14.46 30.56 -4.87
N ALA A 56 -14.74 30.09 -3.66
CA ALA A 56 -13.72 29.82 -2.65
C ALA A 56 -13.65 28.31 -2.42
N VAL A 57 -12.54 27.71 -2.87
CA VAL A 57 -12.30 26.28 -2.63
C VAL A 57 -11.79 26.14 -1.20
N TYR A 58 -12.65 25.64 -0.31
CA TYR A 58 -12.35 25.48 1.10
C TYR A 58 -12.18 24.00 1.42
N GLY A 59 -11.37 23.71 2.42
CA GLY A 59 -11.19 22.34 2.86
C GLY A 59 -9.85 22.13 3.53
N LYS A 60 -9.76 21.03 4.29
CA LYS A 60 -8.54 20.68 4.99
C LYS A 60 -7.42 20.37 4.00
N GLY A 61 -6.18 20.36 4.50
CA GLY A 61 -5.05 20.03 3.68
C GLY A 61 -4.78 18.54 3.61
N GLY A 62 -3.90 18.15 2.69
CA GLY A 62 -3.52 16.77 2.53
C GLY A 62 -4.55 15.88 1.88
N ILE A 63 -5.71 16.42 1.49
CA ILE A 63 -6.74 15.61 0.86
C ILE A 63 -6.93 16.07 -0.59
N GLY A 64 -5.87 16.59 -1.18
CA GLY A 64 -5.93 17.01 -2.57
C GLY A 64 -6.78 18.22 -2.84
N LYS A 65 -6.84 19.16 -1.89
CA LYS A 65 -7.62 20.37 -2.09
C LYS A 65 -7.03 21.23 -3.21
N SER A 66 -5.72 21.42 -3.20
CA SER A 66 -5.07 22.21 -4.24
C SER A 66 -5.24 21.57 -5.61
N THR A 67 -5.30 20.23 -5.66
CA THR A 67 -5.60 19.55 -6.91
C THR A 67 -7.00 19.88 -7.40
N THR A 68 -7.96 20.00 -6.47
CA THR A 68 -9.32 20.34 -6.84
C THR A 68 -9.41 21.79 -7.35
N SER A 69 -8.77 22.71 -6.63
CA SER A 69 -8.85 24.12 -7.02
C SER A 69 -8.09 24.39 -8.30
N SER A 70 -6.99 23.67 -8.56
CA SER A 70 -6.21 23.90 -9.76
C SER A 70 -6.96 23.43 -11.01
N ASN A 71 -7.47 22.20 -10.97
CA ASN A 71 -8.21 21.68 -12.12
C ASN A 71 -9.53 22.41 -12.32
N LEU A 72 -10.13 22.91 -11.24
CA LEU A 72 -11.34 23.72 -11.38
C LEU A 72 -11.03 25.03 -12.10
N SER A 73 -9.88 25.63 -11.82
CA SER A 73 -9.48 26.84 -12.52
C SER A 73 -9.22 26.57 -14.00
N ALA A 74 -8.53 25.47 -14.31
CA ALA A 74 -8.27 25.12 -15.69
C ALA A 74 -9.55 24.69 -16.40
N ALA A 75 -10.55 24.20 -15.66
CA ALA A 75 -11.82 23.84 -16.27
C ALA A 75 -12.54 25.08 -16.80
N PHE A 76 -12.61 26.14 -15.99
CA PHE A 76 -13.17 27.40 -16.46
C PHE A 76 -12.38 27.97 -17.63
N SER A 77 -11.07 27.71 -17.66
CA SER A 77 -10.25 28.20 -18.77
C SER A 77 -10.62 27.51 -20.07
N ILE A 78 -10.82 26.19 -20.03
CA ILE A 78 -11.24 25.46 -21.22
C ILE A 78 -12.63 25.91 -21.66
N LEU A 79 -13.49 26.25 -20.70
CA LEU A 79 -14.84 26.75 -21.00
C LEU A 79 -14.83 28.18 -21.51
N GLY A 80 -13.68 28.78 -21.80
CA GLY A 80 -13.63 30.11 -22.36
C GLY A 80 -13.90 31.21 -21.33
N LYS A 81 -13.27 31.11 -20.17
CA LYS A 81 -13.42 32.10 -19.11
C LYS A 81 -12.03 32.54 -18.64
N ARG A 82 -11.93 33.82 -18.31
CA ARG A 82 -10.70 34.36 -17.73
C ARG A 82 -10.67 34.00 -16.25
N VAL A 83 -9.71 33.16 -15.85
CA VAL A 83 -9.65 32.61 -14.51
C VAL A 83 -8.53 33.29 -13.74
N LEU A 84 -8.75 33.52 -12.44
CA LEU A 84 -7.74 34.08 -11.55
C LEU A 84 -7.77 33.28 -10.26
N GLN A 85 -6.80 32.38 -10.09
CA GLN A 85 -6.70 31.55 -8.90
C GLN A 85 -5.74 32.20 -7.91
N ILE A 86 -6.26 32.55 -6.74
CA ILE A 86 -5.49 33.20 -5.69
C ILE A 86 -5.27 32.19 -4.58
N GLY A 87 -4.04 31.67 -4.48
CA GLY A 87 -3.72 30.69 -3.46
C GLY A 87 -3.46 31.32 -2.10
N CYS A 88 -4.37 31.10 -1.16
CA CYS A 88 -4.24 31.64 0.19
C CYS A 88 -3.64 30.65 1.16
N ASP A 89 -3.31 29.44 0.72
CA ASP A 89 -2.75 28.44 1.59
C ASP A 89 -1.33 28.85 2.01
N PRO A 90 -0.95 28.66 3.28
CA PRO A 90 0.43 28.95 3.68
C PRO A 90 1.46 28.18 2.87
N LYS A 91 1.19 26.91 2.57
CA LYS A 91 2.00 26.16 1.62
C LYS A 91 1.55 26.57 0.23
N HIS A 92 2.25 27.56 -0.33
CA HIS A 92 1.85 28.18 -1.59
C HIS A 92 2.19 27.27 -2.77
N ASP A 93 1.47 26.14 -2.82
CA ASP A 93 1.57 25.20 -3.92
C ASP A 93 0.24 25.05 -4.66
N SER A 94 -0.68 26.00 -4.45
CA SER A 94 -1.98 25.93 -5.10
C SER A 94 -1.87 26.05 -6.61
N THR A 95 -1.03 26.97 -7.08
CA THR A 95 -0.84 27.20 -8.51
C THR A 95 0.40 26.49 -9.06
N PHE A 96 0.86 25.45 -8.37
CA PHE A 96 2.04 24.72 -8.83
C PHE A 96 1.77 24.02 -10.15
N THR A 97 0.63 23.33 -10.25
CA THR A 97 0.32 22.59 -11.46
C THR A 97 -0.05 23.49 -12.64
N LEU A 98 -0.36 24.76 -12.37
CA LEU A 98 -0.70 25.68 -13.45
C LEU A 98 0.57 26.19 -14.15
N THR A 99 1.38 26.96 -13.43
CA THR A 99 2.59 27.54 -14.00
C THR A 99 3.74 26.55 -14.10
N GLY A 100 3.63 25.39 -13.46
CA GLY A 100 4.73 24.43 -13.45
C GLY A 100 5.88 24.80 -12.57
N SER A 101 5.77 25.86 -11.78
CA SER A 101 6.84 26.28 -10.89
C SER A 101 6.25 26.99 -9.68
N LEU A 102 7.02 27.01 -8.60
CA LEU A 102 6.62 27.69 -7.37
C LEU A 102 6.81 29.19 -7.57
N VAL A 103 5.74 29.86 -7.97
CA VAL A 103 5.78 31.29 -8.26
C VAL A 103 6.04 32.06 -6.98
N PRO A 104 6.76 33.18 -7.03
CA PRO A 104 6.98 33.98 -5.83
C PRO A 104 5.67 34.47 -5.24
N THR A 105 5.63 34.56 -3.91
CA THR A 105 4.43 34.95 -3.21
C THR A 105 4.36 36.47 -3.03
N VAL A 106 3.21 36.93 -2.54
CA VAL A 106 3.05 38.35 -2.27
C VAL A 106 3.92 38.79 -1.12
N ILE A 107 3.98 37.99 -0.05
CA ILE A 107 4.80 38.36 1.10
C ILE A 107 6.28 38.26 0.78
N ASP A 108 6.65 37.38 -0.15
CA ASP A 108 8.06 37.29 -0.55
C ASP A 108 8.46 38.48 -1.42
N VAL A 109 7.55 38.95 -2.27
CA VAL A 109 7.83 40.14 -3.07
C VAL A 109 7.94 41.37 -2.16
N LEU A 110 7.02 41.49 -1.19
CA LEU A 110 7.09 42.60 -0.24
C LEU A 110 8.24 42.45 0.76
N LYS A 111 8.92 41.31 0.77
CA LYS A 111 10.09 41.15 1.63
C LYS A 111 11.32 41.82 1.03
N ASP A 112 11.54 41.62 -0.27
CA ASP A 112 12.61 42.32 -0.98
C ASP A 112 12.15 43.66 -1.54
N VAL A 113 10.93 44.07 -1.25
CA VAL A 113 10.41 45.38 -1.65
C VAL A 113 10.21 46.32 -0.48
N ASP A 114 10.50 45.88 0.74
CA ASP A 114 10.41 46.71 1.95
C ASP A 114 8.99 47.22 2.17
N PHE A 115 8.01 46.31 2.06
CA PHE A 115 6.60 46.61 2.30
C PHE A 115 6.10 47.77 1.43
N HIS A 116 6.71 47.98 0.27
CA HIS A 116 6.37 49.11 -0.59
C HIS A 116 5.58 48.62 -1.80
N PRO A 117 4.27 48.83 -1.86
CA PRO A 117 3.50 48.46 -3.06
C PRO A 117 3.52 49.55 -4.12
N GLU A 118 4.57 50.37 -4.12
CA GLU A 118 4.66 51.49 -5.04
C GLU A 118 5.13 51.05 -6.43
N GLU A 119 6.32 50.47 -6.50
CA GLU A 119 6.92 50.06 -7.77
C GLU A 119 6.70 48.58 -8.05
N LEU A 120 5.52 48.06 -7.74
CA LEU A 120 5.17 46.67 -8.01
C LEU A 120 4.30 46.61 -9.25
N ARG A 121 4.61 45.67 -10.13
CA ARG A 121 3.90 45.49 -11.40
C ARG A 121 3.25 44.11 -11.44
N PRO A 122 2.24 43.93 -12.29
CA PRO A 122 1.62 42.60 -12.41
C PRO A 122 2.58 41.50 -12.84
N GLU A 123 3.72 41.85 -13.43
CA GLU A 123 4.70 40.84 -13.82
C GLU A 123 5.47 40.27 -12.63
N ASP A 124 5.34 40.87 -11.45
CA ASP A 124 6.11 40.45 -10.28
C ASP A 124 5.43 39.30 -9.52
N PHE A 125 4.13 39.42 -9.28
CA PHE A 125 3.41 38.44 -8.48
C PHE A 125 2.36 37.66 -9.25
N VAL A 126 1.81 38.20 -10.32
CA VAL A 126 0.87 37.49 -11.17
C VAL A 126 1.65 36.80 -12.28
N PHE A 127 1.38 35.50 -12.48
CA PHE A 127 2.08 34.73 -13.49
C PHE A 127 1.08 34.02 -14.39
N GLU A 128 1.46 33.88 -15.67
CA GLU A 128 0.61 33.23 -16.66
C GLU A 128 0.74 31.72 -16.52
N GLY A 129 -0.37 31.05 -16.26
CA GLY A 129 -0.40 29.61 -16.07
C GLY A 129 -0.84 28.87 -17.31
N PHE A 130 -1.44 27.70 -17.10
CA PHE A 130 -1.88 26.87 -18.20
C PHE A 130 -3.08 27.49 -18.89
N ASN A 131 -3.04 27.52 -20.23
CA ASN A 131 -4.14 28.03 -21.06
C ASN A 131 -4.51 29.46 -20.70
N GLY A 132 -3.53 30.25 -20.29
CA GLY A 132 -3.77 31.65 -19.97
C GLY A 132 -4.48 31.89 -18.65
N VAL A 133 -4.19 31.08 -17.64
CA VAL A 133 -4.78 31.27 -16.31
C VAL A 133 -3.82 32.13 -15.48
N MET A 134 -4.23 33.36 -15.20
CA MET A 134 -3.46 34.21 -14.30
C MET A 134 -3.66 33.74 -12.87
N CYS A 135 -2.57 33.64 -12.12
CA CYS A 135 -2.65 33.11 -10.77
C CYS A 135 -1.52 33.66 -9.92
N VAL A 136 -1.81 33.90 -8.65
CA VAL A 136 -0.86 34.47 -7.71
C VAL A 136 -1.02 33.78 -6.36
N GLU A 137 0.10 33.44 -5.74
CA GLU A 137 0.09 32.85 -4.40
C GLU A 137 0.22 33.97 -3.37
N ALA A 138 -0.73 34.03 -2.44
CA ALA A 138 -0.66 35.03 -1.38
C ALA A 138 0.50 34.75 -0.44
N GLY A 139 0.86 33.48 -0.28
CA GLY A 139 1.94 33.10 0.62
C GLY A 139 1.49 33.01 2.07
N GLY A 140 2.27 32.28 2.85
CA GLY A 140 1.98 32.11 4.25
C GLY A 140 2.32 33.34 5.06
N PRO A 141 1.66 33.53 6.20
CA PRO A 141 1.99 34.64 7.09
C PRO A 141 3.37 34.46 7.67
N PRO A 142 4.00 35.53 8.15
CA PRO A 142 5.31 35.39 8.79
C PRO A 142 5.24 34.44 9.97
N ALA A 143 6.15 33.46 9.98
CA ALA A 143 6.14 32.44 11.01
C ALA A 143 6.40 33.04 12.38
N GLY A 144 5.42 32.92 13.28
CA GLY A 144 5.57 33.43 14.62
C GLY A 144 4.60 34.56 14.93
N THR A 145 4.39 35.45 13.97
CA THR A 145 3.50 36.58 14.17
C THR A 145 2.97 37.05 12.83
N GLY A 146 1.70 37.45 12.81
CA GLY A 146 1.08 37.91 11.58
C GLY A 146 -0.20 37.17 11.25
N CYS A 147 -1.31 37.92 11.21
CA CYS A 147 -2.60 37.30 10.94
C CYS A 147 -2.71 36.89 9.47
N GLY A 148 -3.53 35.87 9.22
CA GLY A 148 -3.77 35.44 7.86
C GLY A 148 -4.61 36.43 7.07
N GLY A 149 -5.48 37.18 7.75
CA GLY A 149 -6.27 38.18 7.06
C GLY A 149 -5.44 39.32 6.52
N TYR A 150 -4.30 39.60 7.15
CA TYR A 150 -3.40 40.62 6.63
C TYR A 150 -2.81 40.20 5.28
N VAL A 151 -2.43 38.93 5.15
CA VAL A 151 -1.89 38.45 3.89
C VAL A 151 -2.97 38.43 2.81
N VAL A 152 -4.19 38.08 3.19
CA VAL A 152 -5.30 38.11 2.23
C VAL A 152 -5.71 39.55 1.95
N GLY A 153 -5.58 40.45 2.93
CA GLY A 153 -5.91 41.84 2.70
C GLY A 153 -4.89 42.57 1.84
N GLN A 154 -3.63 42.17 1.92
CA GLN A 154 -2.56 42.79 1.13
C GLN A 154 -2.42 42.18 -0.26
N THR A 155 -3.06 41.04 -0.52
CA THR A 155 -3.01 40.44 -1.85
C THR A 155 -4.20 40.86 -2.72
N VAL A 156 -5.28 41.35 -2.12
CA VAL A 156 -6.39 41.87 -2.91
C VAL A 156 -6.21 43.35 -3.25
N LYS A 157 -5.53 44.11 -2.37
CA LYS A 157 -5.26 45.51 -2.67
C LYS A 157 -4.20 45.64 -3.75
N LEU A 158 -3.22 44.73 -3.76
CA LEU A 158 -2.22 44.73 -4.81
C LEU A 158 -2.81 44.40 -6.18
N LEU A 159 -3.94 43.69 -6.21
CA LEU A 159 -4.64 43.41 -7.46
C LEU A 159 -5.57 44.55 -7.86
N LYS A 160 -6.26 45.16 -6.89
CA LYS A 160 -7.12 46.30 -7.18
C LYS A 160 -6.32 47.56 -7.48
N GLN A 161 -5.08 47.65 -6.98
CA GLN A 161 -4.24 48.80 -7.29
C GLN A 161 -3.94 48.87 -8.79
N HIS A 162 -3.80 47.72 -9.44
CA HIS A 162 -3.53 47.66 -10.87
C HIS A 162 -4.78 47.37 -11.69
N HIS A 163 -5.94 47.21 -11.04
CA HIS A 163 -7.21 46.91 -11.71
C HIS A 163 -7.08 45.67 -12.59
N LEU A 164 -6.58 44.58 -11.99
CA LEU A 164 -6.42 43.31 -12.67
C LEU A 164 -7.67 42.43 -12.56
N LEU A 165 -8.81 43.03 -12.24
CA LEU A 165 -10.07 42.29 -12.10
C LEU A 165 -11.18 42.82 -13.00
N ASP A 166 -10.95 43.92 -13.72
CA ASP A 166 -11.97 44.47 -14.61
C ASP A 166 -12.14 43.65 -15.88
N ASP A 167 -11.30 42.63 -16.10
CA ASP A 167 -11.36 41.80 -17.29
C ASP A 167 -11.60 40.32 -16.99
N THR A 168 -11.33 39.86 -15.77
CA THR A 168 -11.52 38.45 -15.43
C THR A 168 -12.99 38.14 -15.22
N ASP A 169 -13.35 36.88 -15.49
CA ASP A 169 -14.72 36.40 -15.34
C ASP A 169 -14.93 35.54 -14.12
N VAL A 170 -13.98 34.68 -13.79
CA VAL A 170 -14.08 33.77 -12.65
C VAL A 170 -12.81 33.87 -11.82
N VAL A 171 -12.98 33.92 -10.50
CA VAL A 171 -11.87 33.99 -9.55
C VAL A 171 -11.98 32.80 -8.61
N ILE A 172 -10.91 32.03 -8.48
CA ILE A 172 -10.87 30.85 -7.63
C ILE A 172 -10.02 31.16 -6.40
N PHE A 173 -10.59 30.92 -5.22
CA PHE A 173 -9.90 31.12 -3.96
C PHE A 173 -9.57 29.77 -3.35
N ASP A 174 -8.28 29.50 -3.17
CA ASP A 174 -7.80 28.30 -2.49
C ASP A 174 -7.41 28.69 -1.07
N VAL A 175 -8.33 28.49 -0.13
CA VAL A 175 -8.15 28.88 1.26
C VAL A 175 -7.95 27.63 2.11
N LEU A 176 -6.99 27.70 3.03
CA LEU A 176 -6.72 26.57 3.92
C LEU A 176 -7.89 26.37 4.89
N GLY A 177 -8.35 25.13 5.00
CA GLY A 177 -9.46 24.80 5.87
C GLY A 177 -9.11 24.10 7.17
N ASP A 178 -7.83 23.98 7.52
CA ASP A 178 -7.48 23.37 8.79
C ASP A 178 -7.98 24.20 9.96
N VAL A 179 -8.04 25.52 9.80
CA VAL A 179 -8.56 26.43 10.81
C VAL A 179 -9.62 27.31 10.18
N VAL A 180 -10.73 27.51 10.89
CA VAL A 180 -11.84 28.33 10.38
C VAL A 180 -11.88 29.63 11.14
N CYS A 181 -10.71 30.15 11.53
CA CYS A 181 -10.67 31.41 12.26
C CYS A 181 -11.00 32.56 11.32
N GLY A 182 -11.21 33.74 11.92
CA GLY A 182 -11.58 34.92 11.13
C GLY A 182 -10.50 35.36 10.17
N GLY A 183 -9.24 35.10 10.50
CA GLY A 183 -8.15 35.51 9.61
C GLY A 183 -8.15 34.74 8.30
N PHE A 184 -8.22 33.41 8.38
CA PHE A 184 -8.25 32.60 7.17
C PHE A 184 -9.61 32.58 6.50
N ALA A 185 -10.67 32.98 7.20
CA ALA A 185 -11.99 33.10 6.60
C ALA A 185 -12.18 34.38 5.81
N ALA A 186 -11.09 35.12 5.55
CA ALA A 186 -11.21 36.36 4.80
C ALA A 186 -11.65 36.17 3.35
N PRO A 187 -11.17 35.16 2.60
CA PRO A 187 -11.69 34.98 1.23
C PRO A 187 -13.19 34.74 1.18
N LEU A 188 -13.81 34.28 2.27
CA LEU A 188 -15.26 34.08 2.27
C LEU A 188 -16.02 35.39 2.16
N GLN A 189 -15.37 36.53 2.44
CA GLN A 189 -16.07 37.81 2.36
C GLN A 189 -16.38 38.18 0.92
N HIS A 190 -15.45 37.90 0.00
CA HIS A 190 -15.63 38.26 -1.40
C HIS A 190 -16.31 37.16 -2.21
N ALA A 191 -16.18 35.90 -1.78
CA ALA A 191 -16.65 34.79 -2.59
C ALA A 191 -18.17 34.78 -2.70
N ASP A 192 -18.67 34.52 -3.90
CA ASP A 192 -20.11 34.35 -4.10
C ASP A 192 -20.59 33.07 -3.41
N GLN A 193 -19.89 31.97 -3.64
CA GLN A 193 -20.17 30.69 -2.97
C GLN A 193 -18.86 30.05 -2.55
N ALA A 194 -18.97 29.00 -1.74
CA ALA A 194 -17.81 28.29 -1.22
C ALA A 194 -17.98 26.80 -1.46
N VAL A 195 -17.00 26.19 -2.12
CA VAL A 195 -16.99 24.76 -2.37
C VAL A 195 -16.07 24.11 -1.36
N VAL A 196 -16.59 23.14 -0.62
CA VAL A 196 -15.85 22.47 0.45
C VAL A 196 -15.20 21.21 -0.10
N VAL A 197 -13.93 21.00 0.25
CA VAL A 197 -13.22 19.78 -0.10
C VAL A 197 -13.09 18.94 1.18
N THR A 198 -13.47 17.67 1.08
CA THR A 198 -13.48 16.80 2.25
C THR A 198 -13.18 15.38 1.80
N ALA A 199 -13.33 14.44 2.73
CA ALA A 199 -13.13 13.01 2.47
C ALA A 199 -13.86 12.24 3.56
N ASN A 200 -13.74 10.91 3.51
CA ASN A 200 -14.47 10.05 4.43
C ASN A 200 -13.80 9.92 5.79
N ASP A 201 -12.66 10.56 6.02
CA ASP A 201 -12.03 10.49 7.33
C ASP A 201 -12.68 11.48 8.29
N PHE A 202 -12.34 11.34 9.57
CA PHE A 202 -12.93 12.20 10.60
C PHE A 202 -12.43 13.64 10.48
N ASP A 203 -11.13 13.81 10.20
CA ASP A 203 -10.56 15.16 10.18
C ASP A 203 -11.16 16.00 9.05
N SER A 204 -11.40 15.37 7.89
CA SER A 204 -11.98 16.12 6.78
C SER A 204 -13.43 16.47 7.05
N ILE A 205 -14.17 15.58 7.72
CA ILE A 205 -15.56 15.86 8.05
C ILE A 205 -15.63 16.87 9.19
N TYR A 206 -14.72 16.79 10.16
CA TYR A 206 -14.69 17.77 11.23
C TYR A 206 -14.36 19.16 10.70
N ALA A 207 -13.43 19.24 9.75
CA ALA A 207 -13.11 20.52 9.13
C ALA A 207 -14.28 21.05 8.30
N MET A 208 -14.93 20.17 7.54
CA MET A 208 -16.09 20.59 6.77
C MET A 208 -17.21 21.08 7.67
N ASN A 209 -17.40 20.42 8.82
CA ASN A 209 -18.43 20.87 9.76
C ASN A 209 -18.12 22.24 10.33
N ARG A 210 -16.84 22.56 10.50
CA ARG A 210 -16.46 23.89 10.98
C ARG A 210 -16.46 24.92 9.84
N ILE A 211 -16.24 24.47 8.60
CA ILE A 211 -16.32 25.38 7.47
C ILE A 211 -17.76 25.84 7.25
N ILE A 212 -18.72 24.91 7.39
CA ILE A 212 -20.13 25.27 7.26
C ILE A 212 -20.51 26.32 8.30
N ALA A 213 -20.06 26.12 9.55
CA ALA A 213 -20.32 27.11 10.58
C ALA A 213 -19.57 28.41 10.32
N ALA A 214 -18.44 28.36 9.61
CA ALA A 214 -17.71 29.58 9.28
C ALA A 214 -18.41 30.35 8.18
N VAL A 215 -19.01 29.65 7.22
CA VAL A 215 -19.75 30.33 6.15
C VAL A 215 -21.07 30.89 6.68
N GLN A 216 -21.70 30.19 7.63
CA GLN A 216 -22.96 30.67 8.19
C GLN A 216 -22.78 32.01 8.88
N ALA A 217 -21.78 32.10 9.77
CA ALA A 217 -21.55 33.36 10.48
C ALA A 217 -21.10 34.46 9.53
N LYS A 218 -20.32 34.10 8.51
CA LYS A 218 -19.85 35.08 7.54
C LYS A 218 -20.96 35.51 6.58
N SER A 219 -21.99 34.67 6.39
CA SER A 219 -23.10 35.02 5.53
C SER A 219 -24.06 36.02 6.16
N LYS A 220 -24.00 36.21 7.49
CA LYS A 220 -24.86 37.17 8.15
C LYS A 220 -24.48 38.61 7.79
N ASN A 221 -23.26 38.84 7.32
CA ASN A 221 -22.82 40.16 6.92
C ASN A 221 -22.20 40.20 5.53
N TYR A 222 -22.20 39.08 4.81
CA TYR A 222 -21.63 39.03 3.46
C TYR A 222 -22.54 38.21 2.57
N LYS A 223 -22.15 38.08 1.30
CA LYS A 223 -22.95 37.41 0.29
C LYS A 223 -22.54 35.96 0.07
N VAL A 224 -21.72 35.39 0.95
CA VAL A 224 -21.20 34.05 0.74
C VAL A 224 -22.31 33.03 0.95
N ARG A 225 -22.30 31.99 0.13
CA ARG A 225 -23.27 30.89 0.21
C ARG A 225 -22.52 29.56 0.20
N LEU A 226 -23.25 28.50 0.48
CA LEU A 226 -22.70 27.14 0.49
C LEU A 226 -23.16 26.41 -0.76
N ALA A 227 -22.23 26.11 -1.65
CA ALA A 227 -22.52 25.45 -2.92
C ALA A 227 -22.42 23.94 -2.83
N GLY A 228 -22.00 23.39 -1.71
CA GLY A 228 -21.87 21.96 -1.53
C GLY A 228 -20.44 21.55 -1.25
N CYS A 229 -20.20 20.25 -1.35
CA CYS A 229 -18.89 19.68 -1.10
C CYS A 229 -18.57 18.64 -2.17
N VAL A 230 -17.28 18.30 -2.26
CA VAL A 230 -16.79 17.30 -3.20
C VAL A 230 -15.83 16.37 -2.48
N ALA A 231 -15.71 15.15 -2.98
CA ALA A 231 -14.81 14.16 -2.40
C ALA A 231 -14.24 13.25 -3.48
N ASP A 238 -19.42 7.90 1.31
CA ASP A 238 -20.11 6.98 2.21
C ASP A 238 -20.48 7.66 3.53
N GLU A 239 -19.49 7.85 4.39
CA GLU A 239 -19.73 8.53 5.66
C GLU A 239 -20.00 10.01 5.45
N VAL A 240 -19.48 10.58 4.35
CA VAL A 240 -19.76 11.99 4.05
C VAL A 240 -21.23 12.18 3.75
N ASP A 241 -21.86 11.20 3.08
CA ASP A 241 -23.28 11.31 2.78
C ASP A 241 -24.13 11.29 4.04
N ARG A 242 -23.69 10.57 5.08
CA ARG A 242 -24.40 10.59 6.35
C ARG A 242 -24.29 11.95 7.02
N PHE A 243 -23.20 12.68 6.75
CA PHE A 243 -23.05 14.02 7.31
C PHE A 243 -23.96 15.02 6.60
N CYS A 244 -24.06 14.91 5.28
CA CYS A 244 -24.87 15.86 4.52
C CYS A 244 -26.35 15.75 4.85
N LYS A 245 -26.83 14.53 5.14
CA LYS A 245 -28.24 14.36 5.48
C LYS A 245 -28.57 14.99 6.83
N GLU A 246 -27.66 14.88 7.80
CA GLU A 246 -27.90 15.48 9.11
C GLU A 246 -27.78 16.99 9.07
N THR A 247 -26.94 17.53 8.18
CA THR A 247 -26.68 18.96 8.11
C THR A 247 -27.38 19.63 6.94
N ASN A 248 -28.12 18.88 6.11
CA ASN A 248 -28.78 19.42 4.93
C ASN A 248 -27.77 20.07 3.99
N PHE A 249 -26.66 19.38 3.76
CA PHE A 249 -25.62 19.88 2.88
C PHE A 249 -25.88 19.41 1.45
N ARG A 250 -24.83 19.27 0.65
CA ARG A 250 -24.97 18.82 -0.73
C ARG A 250 -23.66 18.21 -1.18
N ARG A 251 -23.72 16.99 -1.72
CA ARG A 251 -22.55 16.31 -2.27
C ARG A 251 -22.60 16.44 -3.78
N LEU A 252 -21.70 17.25 -4.34
CA LEU A 252 -21.69 17.56 -5.76
C LEU A 252 -21.31 16.36 -6.61
N ALA A 253 -20.02 16.05 -6.69
CA ALA A 253 -19.55 14.93 -7.50
C ALA A 253 -18.31 14.34 -6.83
N HIS A 254 -17.64 13.45 -7.56
CA HIS A 254 -16.43 12.80 -7.06
C HIS A 254 -15.51 12.51 -8.23
N MET A 255 -14.34 13.15 -8.24
CA MET A 255 -13.38 12.95 -9.32
C MET A 255 -12.65 11.63 -9.12
N PRO A 256 -12.69 10.70 -10.08
CA PRO A 256 -11.99 9.40 -9.95
C PRO A 256 -10.56 9.42 -10.50
N ASP A 257 -9.66 10.06 -9.74
CA ASP A 257 -8.25 10.12 -10.09
C ASP A 257 -7.36 9.55 -9.00
N LEU A 258 -7.94 8.92 -7.98
CA LEU A 258 -7.13 8.31 -6.93
C LEU A 258 -6.34 7.11 -7.47
N ASP A 259 -7.02 6.30 -8.28
CA ASP A 259 -6.42 5.09 -8.92
C ASP A 259 -6.03 5.44 -10.36
N ALA A 260 -5.10 4.67 -10.93
CA ALA A 260 -4.53 4.77 -12.30
C ALA A 260 -3.60 5.99 -12.46
N ILE A 261 -4.12 7.21 -12.27
CA ILE A 261 -3.29 8.44 -12.34
C ILE A 261 -2.33 8.42 -11.15
N ARG A 262 -1.09 8.88 -11.35
CA ARG A 262 -0.08 8.88 -10.25
C ARG A 262 -0.03 10.26 -9.59
N ARG A 263 -0.18 10.31 -8.26
CA ARG A 263 -0.11 11.55 -7.50
C ARG A 263 1.10 12.38 -7.91
N SER A 264 2.18 11.74 -8.36
CA SER A 264 3.32 12.49 -8.88
C SER A 264 2.93 13.29 -10.12
N ARG A 265 2.15 12.68 -11.02
CA ARG A 265 1.65 13.41 -12.17
C ARG A 265 0.55 14.39 -11.79
N LEU A 266 -0.21 14.07 -10.75
CA LEU A 266 -1.21 14.99 -10.24
C LEU A 266 -0.56 16.28 -9.74
N LYS A 267 0.50 16.15 -8.94
CA LYS A 267 1.21 17.31 -8.43
C LYS A 267 2.14 17.95 -9.44
N LYS A 268 2.30 17.35 -10.62
CA LYS A 268 3.17 17.92 -11.64
C LYS A 268 2.43 18.97 -12.47
N LYS A 269 1.39 18.57 -13.20
CA LYS A 269 0.62 19.47 -14.02
C LYS A 269 -0.86 19.18 -13.85
N THR A 270 -1.70 20.05 -14.41
CA THR A 270 -3.13 19.87 -14.33
C THR A 270 -3.58 18.76 -15.27
N LEU A 271 -4.81 18.26 -15.01
CA LEU A 271 -5.35 17.18 -15.83
C LEU A 271 -5.57 17.62 -17.27
N PHE A 272 -5.86 18.90 -17.50
CA PHE A 272 -6.07 19.42 -18.85
C PHE A 272 -4.77 19.61 -19.61
N GLU A 273 -3.62 19.43 -18.96
CA GLU A 273 -2.33 19.56 -19.61
C GLU A 273 -1.60 18.23 -19.76
N MET A 274 -2.01 17.19 -19.03
CA MET A 274 -1.39 15.89 -19.13
C MET A 274 -1.61 15.28 -20.51
N ASP A 275 -0.92 14.18 -20.78
CA ASP A 275 -1.11 13.45 -22.02
C ASP A 275 -2.49 12.81 -22.05
N GLU A 276 -3.14 12.88 -23.21
CA GLU A 276 -4.52 12.42 -23.35
C GLU A 276 -4.56 10.90 -23.20
N ASP A 277 -5.12 10.44 -22.08
CA ASP A 277 -5.31 9.03 -21.81
C ASP A 277 -6.77 8.79 -21.41
N GLN A 278 -7.11 7.54 -21.15
CA GLN A 278 -8.49 7.20 -20.81
C GLN A 278 -8.87 7.75 -19.44
N ASP A 279 -7.96 7.67 -18.47
CA ASP A 279 -8.29 8.05 -17.10
C ASP A 279 -8.26 9.56 -16.90
N VAL A 280 -7.37 10.27 -17.61
CA VAL A 280 -7.27 11.71 -17.40
C VAL A 280 -8.41 12.45 -18.11
N LEU A 281 -8.91 11.92 -19.22
CA LEU A 281 -10.03 12.56 -19.90
C LEU A 281 -11.33 12.36 -19.15
N ALA A 282 -11.49 11.21 -18.49
CA ALA A 282 -12.65 11.03 -17.62
C ALA A 282 -12.61 11.96 -16.43
N ALA A 283 -11.40 12.31 -15.96
CA ALA A 283 -11.28 13.26 -14.86
C ALA A 283 -11.49 14.70 -15.32
N ARG A 284 -11.14 15.01 -16.58
CA ARG A 284 -11.42 16.34 -17.10
C ARG A 284 -12.92 16.60 -17.18
N ALA A 285 -13.70 15.59 -17.57
CA ALA A 285 -15.14 15.76 -17.67
C ALA A 285 -15.77 16.03 -16.31
N GLU A 286 -15.19 15.49 -15.24
CA GLU A 286 -15.74 15.74 -13.91
C GLU A 286 -15.53 17.19 -13.49
N TYR A 287 -14.36 17.75 -13.78
CA TYR A 287 -14.11 19.15 -13.43
C TYR A 287 -14.80 20.11 -14.39
N ILE A 288 -15.00 19.71 -15.64
CA ILE A 288 -15.76 20.53 -16.59
C ILE A 288 -17.23 20.57 -16.18
N ARG A 289 -17.79 19.42 -15.80
CA ARG A 289 -19.18 19.39 -15.36
C ARG A 289 -19.37 20.16 -14.06
N LEU A 290 -18.33 20.22 -13.22
CA LEU A 290 -18.42 20.99 -11.98
C LEU A 290 -18.30 22.49 -12.23
N ALA A 291 -17.47 22.88 -13.20
CA ALA A 291 -17.29 24.30 -13.49
C ALA A 291 -18.57 24.90 -14.08
N GLU A 292 -19.18 24.21 -15.05
CA GLU A 292 -20.43 24.70 -15.62
C GLU A 292 -21.56 24.66 -14.61
N SER A 293 -21.56 23.68 -13.71
CA SER A 293 -22.62 23.59 -12.71
C SER A 293 -22.58 24.79 -11.77
N LEU A 294 -21.38 25.26 -11.42
CA LEU A 294 -21.28 26.45 -10.59
C LEU A 294 -21.60 27.71 -11.38
N TRP A 295 -21.24 27.75 -12.66
CA TRP A 295 -21.53 28.93 -13.48
C TRP A 295 -23.02 29.05 -13.76
N ARG A 296 -23.71 27.92 -13.98
CA ARG A 296 -25.14 27.95 -14.22
C ARG A 296 -25.90 28.51 -13.02
N GLY A 297 -25.41 28.27 -11.81
CA GLY A 297 -26.10 28.70 -10.61
C GLY A 297 -26.84 27.56 -9.95
N LEU A 298 -26.14 26.83 -9.08
CA LEU A 298 -26.76 25.72 -8.36
C LEU A 298 -27.88 26.23 -7.46
N ASP A 299 -28.89 25.39 -7.29
CA ASP A 299 -30.01 25.72 -6.42
C ASP A 299 -29.52 25.92 -4.99
N PRO A 300 -29.61 27.13 -4.44
CA PRO A 300 -29.04 27.38 -3.11
C PRO A 300 -29.73 26.54 -2.04
N ILE A 301 -28.98 26.34 -0.94
CA ILE A 301 -29.47 25.58 0.20
C ILE A 301 -28.89 26.22 1.46
N ASP A 302 -29.55 25.98 2.59
CA ASP A 302 -29.15 26.53 3.88
C ASP A 302 -28.78 25.40 4.82
N PRO A 303 -27.55 24.90 4.74
CA PRO A 303 -27.12 23.85 5.67
C PRO A 303 -26.83 24.41 7.06
N HIS A 304 -27.11 23.59 8.07
CA HIS A 304 -26.88 23.96 9.46
C HIS A 304 -25.68 23.20 9.99
N SER A 305 -24.99 23.81 10.95
CA SER A 305 -23.80 23.24 11.55
C SER A 305 -24.16 22.40 12.77
N LEU A 306 -23.36 21.35 13.01
CA LEU A 306 -23.52 20.48 14.16
C LEU A 306 -22.55 20.87 15.26
N PRO A 307 -22.93 20.66 16.52
CA PRO A 307 -21.99 20.88 17.62
C PRO A 307 -20.80 19.94 17.51
N ASP A 308 -19.67 20.37 18.11
CA ASP A 308 -18.46 19.57 18.04
C ASP A 308 -18.61 18.24 18.78
N ARG A 309 -19.43 18.20 19.83
CA ARG A 309 -19.67 16.94 20.51
C ARG A 309 -20.52 16.00 19.67
N GLU A 310 -21.42 16.54 18.86
CA GLU A 310 -22.26 15.70 18.00
C GLU A 310 -21.51 15.20 16.77
N ILE A 311 -20.56 15.98 16.27
CA ILE A 311 -19.80 15.58 15.10
C ILE A 311 -18.74 14.55 15.48
N ILE B 49 3.59 32.79 32.87
CA ILE B 49 3.55 31.62 33.75
C ILE B 49 4.91 31.40 34.38
N THR B 50 4.94 31.31 35.71
CA THR B 50 6.17 31.13 36.47
C THR B 50 6.02 29.95 37.42
N GLY B 51 7.16 29.44 37.88
CA GLY B 51 7.19 28.35 38.82
C GLY B 51 6.84 26.99 38.26
N ALA B 52 6.86 26.84 36.94
CA ALA B 52 6.51 25.55 36.33
C ALA B 52 7.15 25.48 34.94
N LYS B 53 7.74 24.33 34.63
CA LYS B 53 8.30 24.12 33.31
C LYS B 53 7.20 23.93 32.29
N VAL B 54 7.23 24.73 31.23
CA VAL B 54 6.18 24.75 30.21
C VAL B 54 6.76 24.26 28.90
N PHE B 55 6.11 23.28 28.28
CA PHE B 55 6.52 22.73 27.00
C PHE B 55 5.38 22.83 26.01
N ALA B 56 5.67 23.35 24.83
CA ALA B 56 4.68 23.50 23.76
C ALA B 56 4.86 22.35 22.77
N VAL B 57 3.89 21.44 22.76
CA VAL B 57 3.92 20.30 21.85
C VAL B 57 3.28 20.75 20.54
N TYR B 58 4.11 20.99 19.53
CA TYR B 58 3.67 21.47 18.24
C TYR B 58 3.64 20.33 17.22
N GLY B 59 3.03 20.61 16.08
CA GLY B 59 2.91 19.64 15.01
C GLY B 59 1.55 19.78 14.34
N LYS B 60 1.47 19.37 13.07
CA LYS B 60 0.22 19.46 12.35
C LYS B 60 -0.70 18.31 12.74
N GLY B 61 -1.98 18.46 12.38
CA GLY B 61 -2.96 17.45 12.71
C GLY B 61 -2.88 16.23 11.80
N GLY B 62 -3.64 15.21 12.16
CA GLY B 62 -3.72 13.98 11.39
C GLY B 62 -2.56 13.05 11.56
N ILE B 63 -1.57 13.37 12.39
CA ILE B 63 -0.41 12.52 12.62
C ILE B 63 -0.35 11.99 14.04
N GLY B 64 -1.33 12.30 14.88
CA GLY B 64 -1.35 11.81 16.24
C GLY B 64 -0.66 12.75 17.22
N LYS B 65 -0.87 14.06 17.02
CA LYS B 65 -0.25 15.04 17.92
C LYS B 65 -0.82 14.94 19.33
N SER B 66 -2.14 14.77 19.44
CA SER B 66 -2.76 14.67 20.77
C SER B 66 -2.34 13.38 21.47
N THR B 67 -1.97 12.34 20.73
CA THR B 67 -1.50 11.12 21.35
C THR B 67 -0.16 11.34 22.04
N THR B 68 0.81 11.92 21.33
CA THR B 68 2.11 12.21 21.91
C THR B 68 2.03 13.30 22.97
N SER B 69 0.97 14.11 22.97
CA SER B 69 0.84 15.18 23.95
C SER B 69 0.24 14.67 25.26
N SER B 70 -0.84 13.90 25.18
CA SER B 70 -1.49 13.41 26.38
C SER B 70 -0.66 12.35 27.09
N ASN B 71 0.12 11.57 26.35
CA ASN B 71 0.99 10.58 26.97
C ASN B 71 2.20 11.21 27.63
N LEU B 72 2.69 12.32 27.08
CA LEU B 72 3.78 13.04 27.74
C LEU B 72 3.32 13.63 29.06
N SER B 73 2.08 14.09 29.13
CA SER B 73 1.53 14.55 30.40
C SER B 73 1.38 13.41 31.40
N ALA B 74 0.88 12.27 30.93
CA ALA B 74 0.75 11.11 31.82
C ALA B 74 2.11 10.57 32.24
N ALA B 75 3.11 10.67 31.37
CA ALA B 75 4.46 10.24 31.74
C ALA B 75 5.05 11.15 32.81
N PHE B 76 4.80 12.46 32.72
CA PHE B 76 5.24 13.38 33.75
C PHE B 76 4.58 13.07 35.09
N SER B 77 3.30 12.69 35.07
CA SER B 77 2.61 12.36 36.31
C SER B 77 3.13 11.07 36.92
N ILE B 78 3.56 10.12 36.10
CA ILE B 78 4.17 8.90 36.62
C ILE B 78 5.47 9.22 37.35
N LEU B 79 6.21 10.20 36.85
CA LEU B 79 7.46 10.64 37.46
C LEU B 79 7.25 11.51 38.69
N GLY B 80 6.00 11.68 39.15
CA GLY B 80 5.73 12.41 40.36
C GLY B 80 5.53 13.90 40.20
N LYS B 81 5.29 14.39 38.99
CA LYS B 81 5.13 15.82 38.74
C LYS B 81 3.65 16.17 38.60
N ARG B 82 3.29 17.35 39.08
CA ARG B 82 1.94 17.88 38.86
C ARG B 82 1.86 18.43 37.44
N VAL B 83 1.01 17.82 36.61
CA VAL B 83 0.93 18.17 35.20
C VAL B 83 -0.37 18.93 34.95
N LEU B 84 -0.33 19.81 33.96
CA LEU B 84 -1.50 20.58 33.53
C LEU B 84 -1.43 20.74 32.03
N GLN B 85 -2.28 20.01 31.30
CA GLN B 85 -2.28 20.06 29.85
C GLN B 85 -3.26 21.11 29.36
N ILE B 86 -2.79 22.01 28.52
CA ILE B 86 -3.61 23.07 27.94
C ILE B 86 -3.91 22.68 26.50
N GLY B 87 -5.19 22.41 26.21
CA GLY B 87 -5.59 22.07 24.87
C GLY B 87 -5.92 23.29 24.03
N CYS B 88 -5.07 23.58 23.04
CA CYS B 88 -5.26 24.73 22.17
C CYS B 88 -5.75 24.36 20.78
N ASP B 89 -5.77 23.08 20.43
CA ASP B 89 -6.24 22.67 19.11
C ASP B 89 -7.73 22.95 18.98
N PRO B 90 -8.18 23.46 17.83
CA PRO B 90 -9.63 23.63 17.61
C PRO B 90 -10.42 22.36 17.87
N LYS B 91 -9.96 21.22 17.37
CA LYS B 91 -10.52 19.93 17.73
C LYS B 91 -10.12 19.64 19.17
N HIS B 92 -11.03 19.93 20.11
CA HIS B 92 -10.73 19.83 21.54
C HIS B 92 -10.79 18.37 22.00
N ASP B 93 -9.82 17.59 21.50
CA ASP B 93 -9.72 16.17 21.84
C ASP B 93 -8.31 15.82 22.34
N SER B 94 -7.54 16.81 22.80
CA SER B 94 -6.19 16.52 23.27
C SER B 94 -6.23 15.80 24.62
N THR B 95 -7.07 16.26 25.54
CA THR B 95 -7.16 15.68 26.87
C THR B 95 -8.25 14.60 26.96
N PHE B 96 -8.72 14.09 25.83
CA PHE B 96 -9.77 13.08 25.86
C PHE B 96 -9.28 11.78 26.49
N THR B 97 -8.09 11.33 26.11
CA THR B 97 -7.53 10.11 26.69
C THR B 97 -7.17 10.27 28.16
N LEU B 98 -7.00 11.51 28.63
CA LEU B 98 -6.67 11.73 30.03
C LEU B 98 -7.91 11.71 30.90
N THR B 99 -9.01 12.33 30.43
CA THR B 99 -10.25 12.39 31.20
C THR B 99 -11.24 11.30 30.84
N GLY B 100 -11.17 10.75 29.64
CA GLY B 100 -12.12 9.76 29.20
C GLY B 100 -13.39 10.30 28.60
N SER B 101 -13.49 11.61 28.41
CA SER B 101 -14.69 12.23 27.86
C SER B 101 -14.32 13.58 27.28
N LEU B 102 -15.26 14.17 26.55
CA LEU B 102 -15.05 15.49 25.94
C LEU B 102 -15.15 16.56 27.01
N VAL B 103 -14.03 17.20 27.31
CA VAL B 103 -14.00 18.25 28.33
C VAL B 103 -14.61 19.53 27.73
N PRO B 104 -15.51 20.20 28.44
CA PRO B 104 -16.04 21.48 27.94
C PRO B 104 -14.94 22.51 27.79
N THR B 105 -14.91 23.16 26.64
CA THR B 105 -13.87 24.13 26.35
C THR B 105 -14.11 25.42 27.15
N VAL B 106 -13.03 26.20 27.31
CA VAL B 106 -13.13 27.45 28.04
C VAL B 106 -14.01 28.44 27.30
N ILE B 107 -13.94 28.43 25.96
CA ILE B 107 -14.75 29.36 25.18
C ILE B 107 -16.22 28.98 25.24
N ASP B 108 -16.53 27.70 25.43
CA ASP B 108 -17.92 27.29 25.58
C ASP B 108 -18.49 27.77 26.91
N VAL B 109 -17.69 27.71 27.98
CA VAL B 109 -18.17 28.18 29.27
C VAL B 109 -18.17 29.70 29.34
N LEU B 110 -17.21 30.36 28.68
CA LEU B 110 -17.20 31.82 28.65
C LEU B 110 -18.36 32.37 27.83
N LYS B 111 -18.78 31.66 26.78
CA LYS B 111 -19.89 32.10 25.96
C LYS B 111 -21.25 31.86 26.63
N ASP B 112 -21.27 31.33 27.84
CA ASP B 112 -22.50 31.10 28.58
C ASP B 112 -22.83 32.20 29.58
N VAL B 113 -21.80 32.91 30.07
CA VAL B 113 -22.02 33.96 31.06
C VAL B 113 -21.70 35.31 30.42
N ASP B 114 -21.88 35.40 29.10
CA ASP B 114 -21.71 36.65 28.35
C ASP B 114 -20.32 37.24 28.54
N PHE B 115 -19.30 36.38 28.50
CA PHE B 115 -17.90 36.79 28.60
C PHE B 115 -17.65 37.55 29.91
N HIS B 116 -17.92 36.86 31.02
CA HIS B 116 -17.68 37.40 32.36
C HIS B 116 -16.93 36.36 33.18
N PRO B 117 -15.59 36.42 33.17
CA PRO B 117 -14.81 35.44 33.94
C PRO B 117 -14.84 35.69 35.44
N GLU B 118 -16.02 35.97 35.98
CA GLU B 118 -16.20 36.20 37.41
C GLU B 118 -17.04 35.13 38.07
N GLU B 119 -18.20 34.78 37.48
CA GLU B 119 -19.04 33.73 38.02
C GLU B 119 -18.49 32.34 37.75
N LEU B 120 -17.47 32.21 36.91
CA LEU B 120 -16.92 30.91 36.59
C LEU B 120 -16.17 30.34 37.78
N ARG B 121 -16.24 29.02 37.94
CA ARG B 121 -15.55 28.31 38.99
C ARG B 121 -14.43 27.45 38.40
N PRO B 122 -13.39 27.16 39.18
CA PRO B 122 -12.31 26.30 38.65
C PRO B 122 -12.78 24.92 38.22
N GLU B 123 -13.90 24.44 38.75
CA GLU B 123 -14.46 23.15 38.35
C GLU B 123 -15.36 23.25 37.13
N ASP B 124 -15.42 24.41 36.49
CA ASP B 124 -16.22 24.57 35.28
C ASP B 124 -15.39 24.49 34.00
N PHE B 125 -14.08 24.71 34.08
CA PHE B 125 -13.23 24.64 32.90
C PHE B 125 -11.93 23.88 33.14
N VAL B 126 -11.64 23.45 34.36
CA VAL B 126 -10.47 22.63 34.67
C VAL B 126 -10.96 21.33 35.28
N PHE B 127 -10.62 20.21 34.65
CA PHE B 127 -11.07 18.90 35.08
C PHE B 127 -9.87 17.98 35.30
N GLU B 128 -10.00 17.11 36.30
CA GLU B 128 -8.92 16.20 36.68
C GLU B 128 -9.01 14.92 35.86
N GLY B 129 -7.88 14.51 35.29
CA GLY B 129 -7.85 13.31 34.46
C GLY B 129 -7.13 12.15 35.11
N PHE B 130 -6.52 11.30 34.28
CA PHE B 130 -5.84 10.11 34.78
C PHE B 130 -4.64 10.49 35.64
N ASN B 131 -4.52 9.83 36.79
CA ASN B 131 -3.40 10.01 37.71
C ASN B 131 -3.29 11.46 38.20
N GLY B 132 -4.42 12.16 38.27
CA GLY B 132 -4.43 13.52 38.74
C GLY B 132 -3.97 14.57 37.76
N VAL B 133 -3.83 14.22 36.48
CA VAL B 133 -3.44 15.19 35.47
C VAL B 133 -4.58 16.18 35.25
N MET B 134 -4.35 17.44 35.57
CA MET B 134 -5.37 18.46 35.38
C MET B 134 -5.49 18.80 33.90
N CYS B 135 -6.72 18.83 33.40
CA CYS B 135 -6.98 18.99 31.97
C CYS B 135 -7.88 20.21 31.75
N VAL B 136 -7.40 21.14 30.93
CA VAL B 136 -8.18 22.29 30.51
C VAL B 136 -7.93 22.50 29.02
N GLU B 137 -9.00 22.60 28.25
CA GLU B 137 -8.90 22.77 26.80
C GLU B 137 -9.49 24.12 26.41
N ALA B 138 -8.70 24.93 25.70
CA ALA B 138 -9.18 26.23 25.27
C ALA B 138 -10.28 26.10 24.22
N GLY B 139 -10.16 25.11 23.35
CA GLY B 139 -11.12 24.94 22.27
C GLY B 139 -10.77 25.81 21.08
N GLY B 140 -11.63 25.75 20.07
CA GLY B 140 -11.44 26.51 18.86
C GLY B 140 -12.11 27.87 18.93
N PRO B 141 -11.60 28.82 18.14
CA PRO B 141 -12.24 30.13 18.06
C PRO B 141 -13.58 30.02 17.38
N PRO B 142 -14.44 31.05 17.49
CA PRO B 142 -15.72 31.01 16.78
C PRO B 142 -15.50 30.87 15.28
N ALA B 143 -16.43 30.16 14.63
CA ALA B 143 -16.29 29.88 13.21
C ALA B 143 -16.63 31.13 12.41
N GLY B 144 -15.65 31.65 11.66
CA GLY B 144 -15.82 32.80 10.81
C GLY B 144 -15.27 34.10 11.39
N THR B 145 -15.34 34.26 12.70
CA THR B 145 -14.88 35.47 13.37
C THR B 145 -13.97 35.08 14.53
N GLY B 146 -13.46 36.09 15.24
CA GLY B 146 -12.61 35.85 16.38
C GLY B 146 -11.23 35.33 16.04
N CYS B 147 -10.27 35.51 16.94
CA CYS B 147 -8.89 35.11 16.72
C CYS B 147 -8.52 33.96 17.64
N GLY B 148 -7.48 33.22 17.24
CA GLY B 148 -6.99 32.13 18.06
C GLY B 148 -6.24 32.60 19.29
N GLY B 149 -5.56 33.73 19.19
CA GLY B 149 -4.86 34.29 20.34
C GLY B 149 -5.78 34.73 21.46
N TYR B 150 -7.04 35.04 21.14
CA TYR B 150 -8.00 35.37 22.18
C TYR B 150 -8.39 34.14 23.00
N VAL B 151 -8.62 33.01 22.31
CA VAL B 151 -8.98 31.79 23.01
C VAL B 151 -7.81 31.29 23.86
N VAL B 152 -6.58 31.42 23.33
CA VAL B 152 -5.41 31.03 24.11
C VAL B 152 -5.14 32.05 25.21
N GLY B 153 -5.39 33.33 24.93
CA GLY B 153 -5.12 34.36 25.94
C GLY B 153 -6.07 34.30 27.11
N GLN B 154 -7.35 34.03 26.86
CA GLN B 154 -8.32 33.99 27.95
C GLN B 154 -8.13 32.76 28.83
N THR B 155 -7.69 31.64 28.25
CA THR B 155 -7.47 30.44 29.05
C THR B 155 -6.37 30.66 30.09
N VAL B 156 -5.22 31.19 29.64
CA VAL B 156 -4.14 31.49 30.58
C VAL B 156 -4.55 32.60 31.54
N LYS B 157 -5.49 33.46 31.13
CA LYS B 157 -5.94 34.53 31.99
C LYS B 157 -6.73 34.01 33.19
N LEU B 158 -7.60 33.02 32.96
CA LEU B 158 -8.35 32.42 34.05
C LEU B 158 -7.50 31.47 34.88
N LEU B 159 -6.49 30.84 34.27
CA LEU B 159 -5.59 29.98 35.05
C LEU B 159 -4.80 30.78 36.06
N LYS B 160 -4.50 32.04 35.76
CA LYS B 160 -3.85 32.92 36.72
C LYS B 160 -4.85 33.70 37.57
N GLN B 161 -6.09 33.83 37.10
CA GLN B 161 -7.11 34.54 37.89
C GLN B 161 -7.52 33.71 39.10
N HIS B 162 -7.67 32.41 38.93
CA HIS B 162 -8.03 31.51 40.03
C HIS B 162 -6.82 30.89 40.71
N HIS B 163 -5.61 31.36 40.38
CA HIS B 163 -4.37 30.86 40.98
C HIS B 163 -4.22 29.36 40.77
N LEU B 164 -4.46 28.93 39.53
CA LEU B 164 -4.40 27.51 39.17
C LEU B 164 -3.04 27.11 38.60
N LEU B 165 -1.99 27.90 38.87
CA LEU B 165 -0.65 27.60 38.40
C LEU B 165 0.37 27.48 39.51
N ASP B 166 0.00 27.77 40.77
CA ASP B 166 0.95 27.73 41.86
C ASP B 166 1.29 26.30 42.28
N ASP B 167 0.40 25.34 42.01
CA ASP B 167 0.63 23.95 42.39
C ASP B 167 1.18 23.10 41.25
N THR B 168 0.93 23.49 40.00
CA THR B 168 1.39 22.69 38.87
C THR B 168 2.89 22.84 38.69
N ASP B 169 3.55 21.73 38.34
CA ASP B 169 4.98 21.70 38.09
C ASP B 169 5.35 21.60 36.62
N VAL B 170 4.47 21.04 35.79
CA VAL B 170 4.72 20.90 34.36
C VAL B 170 3.45 21.33 33.62
N VAL B 171 3.61 22.23 32.65
CA VAL B 171 2.51 22.69 31.81
C VAL B 171 2.76 22.20 30.40
N ILE B 172 1.81 21.44 29.86
CA ILE B 172 1.93 20.84 28.53
C ILE B 172 0.92 21.54 27.62
N PHE B 173 1.43 22.32 26.66
CA PHE B 173 0.59 22.95 25.65
C PHE B 173 0.50 22.03 24.44
N ASP B 174 -0.72 21.68 24.04
CA ASP B 174 -0.96 20.97 22.79
C ASP B 174 -1.49 22.01 21.80
N VAL B 175 -0.62 22.43 20.89
CA VAL B 175 -0.91 23.53 19.98
C VAL B 175 -1.00 23.01 18.55
N LEU B 176 -1.94 23.54 17.79
CA LEU B 176 -2.07 23.17 16.39
C LEU B 176 -0.90 23.75 15.59
N GLY B 177 -0.20 22.88 14.86
CA GLY B 177 0.91 23.29 14.03
C GLY B 177 0.62 23.43 12.56
N ASP B 178 -0.64 23.26 12.14
CA ASP B 178 -0.98 23.42 10.73
C ASP B 178 -0.73 24.85 10.26
N VAL B 179 -0.90 25.82 11.15
CA VAL B 179 -0.58 27.22 10.87
C VAL B 179 0.32 27.74 11.98
N VAL B 180 1.16 28.72 11.63
CA VAL B 180 2.12 29.27 12.57
C VAL B 180 1.94 30.78 12.67
N CYS B 181 0.70 31.24 12.58
CA CYS B 181 0.41 32.65 12.77
C CYS B 181 0.55 33.02 14.24
N GLY B 182 0.61 34.34 14.49
CA GLY B 182 0.78 34.83 15.85
C GLY B 182 -0.34 34.43 16.80
N GLY B 183 -1.54 34.16 16.27
CA GLY B 183 -2.63 33.76 17.13
C GLY B 183 -2.42 32.38 17.73
N PHE B 184 -2.03 31.42 16.90
CA PHE B 184 -1.73 30.07 17.36
C PHE B 184 -0.31 29.91 17.86
N ALA B 185 0.55 30.89 17.63
CA ALA B 185 1.90 30.89 18.21
C ALA B 185 1.94 31.54 19.58
N ALA B 186 0.78 31.83 20.17
CA ALA B 186 0.75 32.46 21.48
C ALA B 186 1.31 31.58 22.60
N PRO B 187 1.06 30.26 22.63
CA PRO B 187 1.68 29.44 23.69
C PRO B 187 3.21 29.46 23.69
N LEU B 188 3.83 29.89 22.59
CA LEU B 188 5.28 30.03 22.59
C LEU B 188 5.75 31.15 23.51
N GLN B 189 4.85 32.07 23.87
CA GLN B 189 5.21 33.13 24.81
C GLN B 189 5.36 32.63 26.23
N HIS B 190 4.78 31.47 26.55
CA HIS B 190 4.86 30.90 27.89
C HIS B 190 5.74 29.68 28.00
N ALA B 191 6.12 29.07 26.88
CA ALA B 191 6.82 27.80 26.90
C ALA B 191 8.32 27.99 27.07
N ASP B 192 8.95 27.06 27.79
CA ASP B 192 10.41 27.05 27.89
C ASP B 192 11.02 26.32 26.71
N GLN B 193 10.54 25.10 26.45
CA GLN B 193 10.96 24.32 25.29
C GLN B 193 9.75 24.05 24.40
N ALA B 194 10.02 23.76 23.13
CA ALA B 194 8.98 23.50 22.14
C ALA B 194 9.37 22.25 21.35
N VAL B 195 8.81 21.10 21.74
CA VAL B 195 9.01 19.85 21.02
C VAL B 195 7.96 19.74 19.94
N VAL B 196 8.40 19.62 18.69
CA VAL B 196 7.51 19.54 17.54
C VAL B 196 7.28 18.08 17.19
N VAL B 197 6.06 17.76 16.76
CA VAL B 197 5.70 16.42 16.34
C VAL B 197 5.64 16.38 14.83
N THR B 198 6.26 15.37 14.23
CA THR B 198 6.31 15.26 12.78
C THR B 198 6.31 13.80 12.37
N ALA B 199 5.95 13.56 11.12
CA ALA B 199 5.96 12.23 10.54
C ALA B 199 6.87 12.23 9.30
N ASN B 200 6.91 11.10 8.62
CA ASN B 200 7.82 10.93 7.49
C ASN B 200 7.29 11.52 6.19
N ASP B 201 6.03 11.95 6.16
CA ASP B 201 5.44 12.48 4.94
C ASP B 201 5.95 13.91 4.68
N PHE B 202 5.54 14.46 3.55
CA PHE B 202 6.01 15.80 3.15
C PHE B 202 5.32 16.90 3.96
N ASP B 203 4.01 16.78 4.17
CA ASP B 203 3.28 17.86 4.84
C ASP B 203 3.72 18.05 6.28
N SER B 204 4.18 16.98 6.94
CA SER B 204 4.66 17.11 8.31
C SER B 204 6.02 17.80 8.36
N ILE B 205 6.90 17.48 7.40
CA ILE B 205 8.20 18.12 7.34
C ILE B 205 8.06 19.59 6.95
N TYR B 206 7.08 19.91 6.10
CA TYR B 206 6.84 21.30 5.76
C TYR B 206 6.31 22.08 6.96
N ALA B 207 5.40 21.48 7.73
CA ALA B 207 4.91 22.13 8.93
C ALA B 207 6.01 22.28 9.98
N MET B 208 6.81 21.22 10.17
CA MET B 208 7.93 21.31 11.11
C MET B 208 8.88 22.44 10.73
N ASN B 209 9.14 22.62 9.42
CA ASN B 209 9.96 23.74 8.98
C ASN B 209 9.30 25.07 9.29
N ARG B 210 7.97 25.13 9.23
CA ARG B 210 7.26 26.37 9.55
C ARG B 210 7.28 26.65 11.04
N ILE B 211 7.28 25.61 11.87
CA ILE B 211 7.32 25.84 13.32
C ILE B 211 8.73 26.24 13.76
N ILE B 212 9.75 25.67 13.13
CA ILE B 212 11.13 26.05 13.44
C ILE B 212 11.32 27.55 13.22
N ALA B 213 10.82 28.07 12.10
CA ALA B 213 10.90 29.50 11.86
C ALA B 213 10.04 30.29 12.83
N ALA B 214 8.89 29.75 13.22
CA ALA B 214 8.01 30.46 14.14
C ALA B 214 8.60 30.51 15.55
N VAL B 215 9.16 29.39 16.02
CA VAL B 215 9.73 29.37 17.36
C VAL B 215 10.98 30.24 17.42
N GLN B 216 11.84 30.15 16.39
CA GLN B 216 13.05 30.97 16.40
C GLN B 216 12.73 32.45 16.22
N ALA B 217 11.61 32.77 15.59
CA ALA B 217 11.16 34.16 15.55
C ALA B 217 10.80 34.65 16.95
N LYS B 218 10.08 33.82 17.72
CA LYS B 218 9.80 34.15 19.10
C LYS B 218 11.03 34.01 19.99
N SER B 219 12.04 33.25 19.56
CA SER B 219 13.24 33.06 20.35
C SER B 219 14.05 34.34 20.52
N LYS B 220 13.93 35.28 19.58
CA LYS B 220 14.67 36.52 19.68
C LYS B 220 14.17 37.43 20.81
N ASN B 221 12.94 37.21 21.27
CA ASN B 221 12.36 38.05 22.32
C ASN B 221 11.74 37.24 23.45
N TYR B 222 11.80 35.91 23.40
CA TYR B 222 11.25 35.06 24.46
C TYR B 222 12.22 33.94 24.76
N LYS B 223 12.00 33.27 25.89
CA LYS B 223 12.86 32.20 26.36
C LYS B 223 12.64 30.88 25.64
N VAL B 224 11.65 30.80 24.75
CA VAL B 224 11.33 29.53 24.11
C VAL B 224 12.44 29.14 23.16
N ARG B 225 12.94 27.92 23.29
CA ARG B 225 13.90 27.33 22.39
C ARG B 225 13.35 26.05 21.80
N LEU B 226 13.93 25.61 20.69
CA LEU B 226 13.54 24.36 20.06
C LEU B 226 14.27 23.20 20.71
N ALA B 227 13.52 22.28 21.31
CA ALA B 227 14.13 21.12 21.95
C ALA B 227 14.38 19.98 20.97
N GLY B 228 13.78 20.03 19.79
CA GLY B 228 13.92 18.98 18.80
C GLY B 228 12.57 18.50 18.31
N CYS B 229 12.63 17.49 17.44
CA CYS B 229 11.44 16.89 16.87
C CYS B 229 11.29 15.45 17.37
N VAL B 230 10.05 14.96 17.31
CA VAL B 230 9.73 13.60 17.71
C VAL B 230 8.90 12.97 16.61
N ALA B 231 9.32 11.79 16.16
CA ALA B 231 8.53 11.03 15.20
C ALA B 231 7.24 10.56 15.87
N ASN B 232 6.13 10.67 15.14
CA ASN B 232 4.83 10.36 15.73
C ASN B 232 4.74 8.88 16.12
N ARG B 233 5.25 7.99 15.27
CA ARG B 233 5.25 6.57 15.58
C ARG B 233 6.43 5.90 14.88
N SER B 234 6.72 4.67 15.29
CA SER B 234 7.87 3.94 14.79
C SER B 234 7.66 3.51 13.34
N ARG B 235 8.14 4.33 12.41
CA ARG B 235 8.10 4.00 10.98
C ARG B 235 9.44 4.39 10.39
N ALA B 236 9.47 4.57 9.06
CA ALA B 236 10.67 5.05 8.40
C ALA B 236 10.93 6.50 8.79
N THR B 237 12.21 6.84 8.94
CA THR B 237 12.60 8.18 9.38
C THR B 237 13.71 8.78 8.53
N ASP B 238 13.95 8.21 7.33
CA ASP B 238 15.05 8.70 6.50
C ASP B 238 14.80 10.12 6.03
N GLU B 239 13.55 10.46 5.69
CA GLU B 239 13.26 11.81 5.22
C GLU B 239 13.28 12.82 6.35
N VAL B 240 12.91 12.41 7.57
CA VAL B 240 12.97 13.31 8.72
C VAL B 240 14.42 13.53 9.13
N ASP B 241 15.25 12.50 9.04
CA ASP B 241 16.65 12.64 9.42
C ASP B 241 17.41 13.53 8.44
N ARG B 242 17.09 13.43 7.15
CA ARG B 242 17.75 14.29 6.17
C ARG B 242 17.38 15.75 6.37
N PHE B 243 16.13 16.01 6.76
CA PHE B 243 15.73 17.38 7.08
C PHE B 243 16.46 17.90 8.32
N CYS B 244 16.71 17.01 9.29
CA CYS B 244 17.40 17.44 10.51
C CYS B 244 18.86 17.77 10.22
N LYS B 245 19.53 16.96 9.38
CA LYS B 245 20.93 17.23 9.06
C LYS B 245 21.07 18.50 8.23
N GLU B 246 20.09 18.81 7.39
CA GLU B 246 20.15 20.01 6.57
C GLU B 246 19.85 21.27 7.39
N THR B 247 18.93 21.16 8.34
CA THR B 247 18.52 22.30 9.17
C THR B 247 19.26 22.35 10.49
N ASN B 248 20.18 21.43 10.75
CA ASN B 248 20.89 21.33 12.04
C ASN B 248 19.89 21.16 13.18
N PHE B 249 18.83 20.40 12.94
CA PHE B 249 17.85 20.05 13.95
C PHE B 249 18.28 18.73 14.59
N ARG B 250 17.37 18.10 15.33
CA ARG B 250 17.66 16.79 15.91
C ARG B 250 16.34 16.11 16.28
N ARG B 251 16.31 14.79 16.11
CA ARG B 251 15.16 13.98 16.48
C ARG B 251 15.40 13.33 17.84
N LEU B 252 14.36 13.32 18.67
CA LEU B 252 14.51 12.86 20.05
C LEU B 252 14.20 11.37 20.19
N ALA B 253 12.93 11.02 20.35
CA ALA B 253 12.52 9.65 20.64
C ALA B 253 11.79 9.05 19.43
N HIS B 254 11.29 7.82 19.64
CA HIS B 254 10.63 7.07 18.56
C HIS B 254 9.66 6.09 19.22
N MET B 255 8.38 6.47 19.30
CA MET B 255 7.39 5.64 19.97
C MET B 255 6.83 4.59 19.00
N PRO B 256 6.58 3.37 19.48
CA PRO B 256 6.03 2.29 18.63
C PRO B 256 4.51 2.18 18.69
N ASP B 257 3.83 3.19 18.17
CA ASP B 257 2.37 3.18 18.11
C ASP B 257 1.82 2.43 16.90
N LEU B 258 2.64 2.26 15.85
CA LEU B 258 2.18 1.54 14.68
C LEU B 258 2.01 0.05 14.98
N ASP B 259 3.06 -0.59 15.50
CA ASP B 259 3.01 -2.01 15.81
C ASP B 259 2.05 -2.25 16.96
N ALA B 260 0.93 -2.93 16.64
CA ALA B 260 -0.20 -3.24 17.54
C ALA B 260 -0.82 -1.93 18.05
N ILE B 261 -1.25 -1.90 19.31
CA ILE B 261 -1.89 -0.71 19.91
C ILE B 261 -2.98 -0.16 18.99
N ARG B 262 -3.98 -0.98 18.77
CA ARG B 262 -5.21 -0.67 17.96
C ARG B 262 -5.70 0.77 18.22
N ARG B 263 -5.92 1.52 17.14
CA ARG B 263 -6.31 2.93 17.21
C ARG B 263 -7.53 3.15 18.09
N SER B 264 -8.41 2.14 18.19
CA SER B 264 -9.58 2.28 19.05
C SER B 264 -9.18 2.43 20.51
N ARG B 265 -8.11 1.73 20.93
CA ARG B 265 -7.61 1.86 22.28
C ARG B 265 -6.65 3.05 22.43
N LEU B 266 -6.02 3.48 21.34
CA LEU B 266 -5.13 4.64 21.39
C LEU B 266 -5.88 5.89 21.82
N LYS B 267 -6.97 6.21 21.13
CA LYS B 267 -7.73 7.42 21.41
C LYS B 267 -8.72 7.25 22.56
N LYS B 268 -8.83 6.06 23.14
CA LYS B 268 -9.75 5.83 24.26
C LYS B 268 -9.04 6.11 25.59
N LYS B 269 -8.07 5.27 25.92
CA LYS B 269 -7.28 5.43 27.13
C LYS B 269 -5.88 5.91 26.78
N THR B 270 -5.12 6.24 27.82
CA THR B 270 -3.71 6.55 27.66
C THR B 270 -2.87 5.30 27.87
N LEU B 271 -1.64 5.32 27.35
CA LEU B 271 -0.78 4.15 27.43
C LEU B 271 -0.54 3.71 28.86
N PHE B 272 -0.46 4.65 29.80
CA PHE B 272 -0.24 4.32 31.20
C PHE B 272 -1.51 3.89 31.91
N GLU B 273 -2.64 3.85 31.21
CA GLU B 273 -3.88 3.32 31.75
C GLU B 273 -4.34 2.04 31.05
N MET B 274 -3.76 1.70 29.90
CA MET B 274 -4.06 0.44 29.24
C MET B 274 -3.50 -0.73 30.04
N ASP B 275 -4.02 -1.92 29.77
CA ASP B 275 -3.49 -3.12 30.38
C ASP B 275 -2.11 -3.42 29.81
N GLU B 276 -1.25 -3.96 30.67
CA GLU B 276 0.16 -4.13 30.30
C GLU B 276 0.34 -5.27 29.30
N ASP B 277 1.10 -5.01 28.25
CA ASP B 277 1.58 -6.03 27.33
C ASP B 277 2.93 -5.56 26.78
N GLN B 278 3.48 -6.33 25.84
CA GLN B 278 4.80 -6.01 25.31
C GLN B 278 4.83 -4.63 24.66
N ASP B 279 3.81 -4.31 23.85
CA ASP B 279 3.80 -3.06 23.10
C ASP B 279 3.49 -1.86 23.99
N VAL B 280 2.66 -2.04 25.01
CA VAL B 280 2.35 -0.94 25.92
C VAL B 280 3.56 -0.57 26.75
N LEU B 281 4.22 -1.58 27.36
CA LEU B 281 5.40 -1.31 28.16
C LEU B 281 6.52 -0.71 27.32
N ALA B 282 6.67 -1.18 26.08
CA ALA B 282 7.68 -0.61 25.20
C ALA B 282 7.37 0.85 24.87
N ALA B 283 6.10 1.16 24.61
CA ALA B 283 5.72 2.53 24.30
C ALA B 283 5.74 3.42 25.54
N ARG B 284 5.46 2.84 26.71
CA ARG B 284 5.54 3.62 27.95
C ARG B 284 6.97 4.10 28.19
N ALA B 285 7.96 3.23 27.94
CA ALA B 285 9.34 3.61 28.17
C ALA B 285 9.79 4.73 27.25
N GLU B 286 9.20 4.81 26.05
CA GLU B 286 9.57 5.87 25.11
C GLU B 286 9.07 7.22 25.57
N TYR B 287 7.98 7.26 26.34
CA TYR B 287 7.47 8.53 26.86
C TYR B 287 8.09 8.92 28.20
N ILE B 288 8.52 7.94 29.00
CA ILE B 288 9.20 8.25 30.24
C ILE B 288 10.56 8.87 29.96
N ARG B 289 11.27 8.37 28.96
CA ARG B 289 12.57 8.94 28.61
C ARG B 289 12.40 10.34 28.02
N LEU B 290 11.37 10.55 27.21
CA LEU B 290 11.12 11.87 26.63
C LEU B 290 10.78 12.88 27.73
N ALA B 291 10.00 12.46 28.72
CA ALA B 291 9.65 13.36 29.81
C ALA B 291 10.86 13.66 30.69
N GLU B 292 11.68 12.65 30.97
CA GLU B 292 12.84 12.88 31.82
C GLU B 292 13.89 13.74 31.13
N SER B 293 14.06 13.55 29.82
CA SER B 293 15.01 14.38 29.08
C SER B 293 14.60 15.84 29.09
N LEU B 294 13.31 16.12 28.89
CA LEU B 294 12.84 17.49 28.91
C LEU B 294 12.90 18.08 30.32
N TRP B 295 12.83 17.24 31.35
CA TRP B 295 12.83 17.74 32.72
C TRP B 295 14.22 18.22 33.13
N ARG B 296 15.22 17.36 33.02
CA ARG B 296 16.58 17.70 33.42
C ARG B 296 17.32 18.50 32.36
N GLY B 297 16.61 19.04 31.36
CA GLY B 297 17.22 19.88 30.36
C GLY B 297 17.94 19.10 29.28
N LEU B 298 18.07 19.73 28.12
CA LEU B 298 18.80 19.17 26.99
C LEU B 298 19.86 20.15 26.55
N ASP B 299 20.87 19.63 25.85
CA ASP B 299 21.91 20.48 25.30
C ASP B 299 21.32 21.35 24.19
N PRO B 300 21.50 22.67 24.27
CA PRO B 300 20.84 23.55 23.28
C PRO B 300 21.32 23.29 21.86
N ILE B 301 20.46 23.65 20.91
CA ILE B 301 20.75 23.52 19.49
C ILE B 301 20.48 24.86 18.82
N ASP B 302 21.02 25.01 17.62
CA ASP B 302 20.82 26.21 16.80
C ASP B 302 20.37 25.77 15.41
N PRO B 303 19.11 25.41 15.25
CA PRO B 303 18.60 25.04 13.92
C PRO B 303 18.26 26.28 13.11
N HIS B 304 17.91 26.03 11.85
CA HIS B 304 17.49 27.10 10.94
C HIS B 304 16.49 26.54 9.95
N SER B 305 15.46 27.32 9.64
CA SER B 305 14.41 26.88 8.74
C SER B 305 14.82 27.11 7.29
N LEU B 306 14.71 26.06 6.48
CA LEU B 306 14.94 26.20 5.05
C LEU B 306 13.85 27.06 4.42
N PRO B 307 14.16 27.77 3.34
CA PRO B 307 13.13 28.53 2.64
C PRO B 307 12.01 27.61 2.13
N ASP B 308 10.83 28.20 1.96
CA ASP B 308 9.66 27.43 1.57
C ASP B 308 9.85 26.74 0.22
N ARG B 309 10.76 27.23 -0.62
CA ARG B 309 11.02 26.60 -1.91
C ARG B 309 12.08 25.52 -1.82
N GLU B 310 13.07 25.67 -0.94
CA GLU B 310 14.15 24.70 -0.84
C GLU B 310 13.71 23.38 -0.23
N ILE B 311 12.53 23.32 0.39
CA ILE B 311 12.07 22.06 0.97
C ILE B 311 11.38 21.20 -0.09
N PHE B 312 10.83 21.82 -1.13
CA PHE B 312 10.24 21.04 -2.22
C PHE B 312 11.32 20.28 -2.99
N GLU B 313 12.42 20.96 -3.33
CA GLU B 313 13.53 20.30 -4.01
C GLU B 313 14.29 19.35 -3.11
N LEU B 314 14.07 19.40 -1.80
CA LEU B 314 14.72 18.46 -0.89
C LEU B 314 14.02 17.10 -0.92
N LEU B 315 12.69 17.10 -0.83
CA LEU B 315 11.92 15.86 -0.85
C LEU B 315 11.37 15.60 -2.25
N GLY B 316 10.39 16.39 -2.66
CA GLY B 316 9.78 16.23 -3.98
C GLY B 316 8.48 16.99 -4.13
N GLY C 37 15.18 -7.08 -13.39
CA GLY C 37 14.66 -8.41 -13.68
C GLY C 37 13.24 -8.62 -13.18
N SER C 38 12.77 -7.71 -12.33
CA SER C 38 11.44 -7.78 -11.75
C SER C 38 10.54 -6.73 -12.37
N VAL C 39 9.23 -7.02 -12.37
CA VAL C 39 8.26 -6.11 -12.97
C VAL C 39 6.98 -6.08 -12.13
N GLN C 40 6.84 -7.02 -11.20
CA GLN C 40 5.63 -7.07 -10.38
C GLN C 40 5.84 -7.78 -9.04
N VAL C 41 7.06 -7.89 -8.56
CA VAL C 41 7.33 -8.58 -7.30
C VAL C 41 6.94 -7.65 -6.14
N HIS C 42 5.93 -8.04 -5.37
CA HIS C 42 5.55 -7.32 -4.16
C HIS C 42 6.48 -7.79 -3.05
N LEU C 43 7.70 -7.26 -3.05
CA LEU C 43 8.73 -7.69 -2.13
C LEU C 43 8.39 -7.28 -0.71
N ASP C 44 9.23 -7.76 0.22
CA ASP C 44 9.11 -7.44 1.64
C ASP C 44 10.50 -7.26 2.23
N GLU C 45 10.60 -6.36 3.20
CA GLU C 45 11.87 -6.06 3.86
C GLU C 45 11.55 -5.45 5.23
N ALA C 46 12.62 -5.08 5.95
CA ALA C 46 12.61 -4.51 7.30
C ALA C 46 11.93 -5.40 8.33
N ASP C 47 11.53 -6.62 7.98
CA ASP C 47 10.94 -7.56 8.92
C ASP C 47 11.70 -8.87 8.87
N LYS C 48 12.22 -9.30 10.01
CA LYS C 48 12.98 -10.54 10.09
C LYS C 48 12.47 -11.38 11.24
N ILE C 49 12.93 -12.62 11.29
CA ILE C 49 12.54 -13.54 12.37
C ILE C 49 13.46 -13.32 13.55
N THR C 50 12.88 -13.28 14.75
CA THR C 50 13.63 -13.05 15.98
C THR C 50 13.18 -14.06 17.02
N GLY C 51 14.10 -14.93 17.44
CA GLY C 51 13.85 -15.86 18.52
C GLY C 51 13.52 -17.27 18.11
N ALA C 52 13.65 -17.63 16.84
CA ALA C 52 13.31 -18.97 16.38
C ALA C 52 14.12 -19.29 15.12
N LYS C 53 14.48 -20.56 14.99
CA LYS C 53 15.17 -21.05 13.80
C LYS C 53 14.13 -21.43 12.74
N VAL C 54 14.39 -21.01 11.51
CA VAL C 54 13.42 -21.12 10.42
C VAL C 54 13.95 -22.07 9.36
N PHE C 55 13.13 -23.05 8.99
CA PHE C 55 13.44 -23.99 7.92
C PHE C 55 12.36 -23.93 6.87
N ALA C 56 12.76 -23.99 5.60
CA ALA C 56 11.84 -23.88 4.47
C ALA C 56 11.81 -25.20 3.72
N VAL C 57 10.66 -25.87 3.77
CA VAL C 57 10.44 -27.11 3.03
C VAL C 57 10.10 -26.72 1.60
N TYR C 58 11.07 -26.88 0.69
CA TYR C 58 10.95 -26.44 -0.69
C TYR C 58 10.85 -27.67 -1.59
N GLY C 59 9.89 -27.67 -2.50
CA GLY C 59 9.74 -28.81 -3.40
C GLY C 59 8.56 -28.63 -4.32
N LYS C 60 8.54 -29.46 -5.36
CA LYS C 60 7.47 -29.47 -6.34
C LYS C 60 6.18 -30.00 -5.72
N GLY C 61 5.07 -29.74 -6.40
CA GLY C 61 3.78 -30.21 -5.92
C GLY C 61 3.44 -31.61 -6.41
N GLY C 62 2.58 -32.28 -5.63
CA GLY C 62 2.12 -33.61 -6.00
C GLY C 62 3.14 -34.70 -5.78
N ILE C 63 4.09 -34.52 -4.87
CA ILE C 63 5.10 -35.54 -4.58
C ILE C 63 5.23 -35.72 -3.07
N GLY C 64 4.32 -35.13 -2.31
CA GLY C 64 4.32 -35.27 -0.87
C GLY C 64 5.03 -34.17 -0.12
N LYS C 65 5.00 -32.94 -0.64
CA LYS C 65 5.66 -31.83 0.05
C LYS C 65 4.94 -31.47 1.34
N SER C 66 3.61 -31.43 1.32
CA SER C 66 2.85 -31.09 2.52
C SER C 66 3.01 -32.15 3.60
N THR C 67 3.20 -33.42 3.20
CA THR C 67 3.44 -34.47 4.18
C THR C 67 4.78 -34.30 4.88
N THR C 68 5.80 -33.87 4.14
CA THR C 68 7.12 -33.68 4.73
C THR C 68 7.12 -32.54 5.74
N SER C 69 6.47 -31.42 5.40
CA SER C 69 6.50 -30.25 6.29
C SER C 69 5.61 -30.47 7.51
N SER C 70 4.51 -31.20 7.37
CA SER C 70 3.61 -31.41 8.51
C SER C 70 4.21 -32.37 9.52
N ASN C 71 4.79 -33.48 9.05
CA ASN C 71 5.39 -34.44 9.97
C ASN C 71 6.68 -33.91 10.57
N LEU C 72 7.41 -33.06 9.84
CA LEU C 72 8.59 -32.43 10.41
C LEU C 72 8.20 -31.50 11.55
N SER C 73 7.12 -30.75 11.40
CA SER C 73 6.64 -29.89 12.47
C SER C 73 6.20 -30.72 13.68
N ALA C 74 5.48 -31.81 13.43
CA ALA C 74 5.06 -32.67 14.53
C ALA C 74 6.24 -33.36 15.19
N ALA C 75 7.33 -33.57 14.43
CA ALA C 75 8.53 -34.15 15.00
C ALA C 75 9.20 -33.20 15.98
N PHE C 76 9.30 -31.92 15.61
CA PHE C 76 9.86 -30.92 16.52
C PHE C 76 9.00 -30.77 17.77
N SER C 77 7.68 -30.92 17.64
CA SER C 77 6.79 -30.77 18.79
C SER C 77 7.05 -31.86 19.82
N ILE C 78 7.28 -33.09 19.38
CA ILE C 78 7.56 -34.18 20.31
C ILE C 78 8.95 -34.03 20.92
N LEU C 79 9.88 -33.42 20.19
CA LEU C 79 11.22 -33.16 20.70
C LEU C 79 11.28 -31.95 21.62
N GLY C 80 10.14 -31.44 22.08
CA GLY C 80 10.10 -30.37 23.05
C GLY C 80 10.12 -28.97 22.49
N LYS C 81 10.09 -28.81 21.17
CA LYS C 81 10.16 -27.50 20.55
C LYS C 81 8.75 -26.97 20.27
N ARG C 82 8.57 -25.67 20.47
CA ARG C 82 7.34 -25.00 20.08
C ARG C 82 7.41 -24.66 18.59
N VAL C 83 6.45 -25.18 17.83
CA VAL C 83 6.50 -25.16 16.37
C VAL C 83 5.43 -24.21 15.83
N LEU C 84 5.76 -23.53 14.75
CA LEU C 84 4.80 -22.71 14.00
C LEU C 84 5.03 -22.98 12.52
N GLN C 85 4.09 -23.66 11.88
CA GLN C 85 4.17 -23.98 10.47
C GLN C 85 3.42 -22.94 9.65
N ILE C 86 4.07 -22.38 8.65
CA ILE C 86 3.51 -21.35 7.80
C ILE C 86 3.35 -21.93 6.40
N GLY C 87 2.10 -22.13 5.98
CA GLY C 87 1.83 -22.62 4.65
C GLY C 87 1.78 -21.51 3.62
N CYS C 88 2.69 -21.54 2.65
CA CYS C 88 2.74 -20.55 1.59
C CYS C 88 2.31 -21.10 0.24
N ASP C 89 1.92 -22.37 0.16
CA ASP C 89 1.46 -22.95 -1.09
C ASP C 89 0.07 -22.43 -1.42
N PRO C 90 -0.19 -22.08 -2.69
CA PRO C 90 -1.56 -21.69 -3.06
C PRO C 90 -2.60 -22.75 -2.76
N LYS C 91 -2.22 -24.03 -2.85
CA LYS C 91 -3.08 -25.13 -2.41
C LYS C 91 -2.84 -25.32 -0.92
N HIS C 92 -3.52 -24.49 -0.13
CA HIS C 92 -3.32 -24.41 1.32
C HIS C 92 -3.77 -25.70 1.99
N ASP C 93 -2.94 -26.73 1.89
CA ASP C 93 -3.22 -28.02 2.51
C ASP C 93 -2.05 -28.55 3.34
N SER C 94 -1.02 -27.73 3.58
CA SER C 94 0.14 -28.21 4.31
C SER C 94 -0.20 -28.52 5.77
N THR C 95 -0.97 -27.65 6.40
CA THR C 95 -1.36 -27.82 7.80
C THR C 95 -2.69 -28.56 7.95
N PHE C 96 -3.10 -29.33 6.95
CA PHE C 96 -4.36 -30.05 7.04
C PHE C 96 -4.26 -31.24 7.98
N THR C 97 -3.18 -32.02 7.88
CA THR C 97 -3.01 -33.18 8.73
C THR C 97 -2.73 -32.81 10.19
N LEU C 98 -2.39 -31.55 10.47
CA LEU C 98 -2.15 -31.10 11.83
C LEU C 98 -3.43 -30.62 12.51
N THR C 99 -4.18 -29.74 11.85
CA THR C 99 -5.42 -29.21 12.40
C THR C 99 -6.63 -30.08 12.08
N GLY C 100 -6.49 -31.05 11.18
CA GLY C 100 -7.60 -31.92 10.83
C GLY C 100 -8.66 -31.31 9.95
N SER C 101 -8.50 -30.06 9.53
CA SER C 101 -9.50 -29.39 8.70
C SER C 101 -8.79 -28.36 7.82
N LEU C 102 -9.56 -27.70 6.97
CA LEU C 102 -9.05 -26.66 6.08
C LEU C 102 -8.97 -25.35 6.87
N VAL C 103 -7.76 -24.92 7.19
CA VAL C 103 -7.56 -23.69 7.96
C VAL C 103 -7.88 -22.48 7.08
N PRO C 104 -8.65 -21.51 7.56
CA PRO C 104 -8.85 -20.28 6.80
C PRO C 104 -7.55 -19.55 6.59
N THR C 105 -7.28 -19.16 5.34
CA THR C 105 -6.03 -18.50 5.01
C THR C 105 -6.06 -17.03 5.44
N VAL C 106 -4.87 -16.45 5.55
CA VAL C 106 -4.77 -15.06 5.92
C VAL C 106 -5.22 -14.14 4.78
N ILE C 107 -5.20 -14.63 3.54
CA ILE C 107 -5.65 -13.79 2.43
C ILE C 107 -7.17 -13.79 2.35
N ASP C 108 -7.83 -14.88 2.76
CA ASP C 108 -9.29 -14.91 2.74
C ASP C 108 -9.88 -14.02 3.83
N VAL C 109 -9.24 -13.97 5.01
CA VAL C 109 -9.72 -13.12 6.08
C VAL C 109 -9.44 -11.65 5.79
N LEU C 110 -8.45 -11.35 4.95
CA LEU C 110 -8.20 -9.97 4.56
C LEU C 110 -9.27 -9.47 3.60
N LYS C 111 -9.70 -10.33 2.67
CA LYS C 111 -10.80 -9.95 1.78
C LYS C 111 -12.09 -9.78 2.54
N ASP C 112 -12.25 -10.49 3.66
CA ASP C 112 -13.44 -10.37 4.49
C ASP C 112 -13.45 -9.10 5.33
N VAL C 113 -12.31 -8.41 5.46
CA VAL C 113 -12.23 -7.17 6.20
C VAL C 113 -11.78 -6.01 5.31
N ASP C 114 -11.90 -6.18 3.99
CA ASP C 114 -11.52 -5.15 3.02
C ASP C 114 -10.05 -4.78 3.12
N PHE C 115 -9.22 -5.79 3.41
CA PHE C 115 -7.77 -5.63 3.51
C PHE C 115 -7.39 -4.56 4.55
N HIS C 116 -7.81 -4.80 5.79
CA HIS C 116 -7.48 -3.95 6.93
C HIS C 116 -6.92 -4.83 8.03
N PRO C 117 -5.59 -5.00 8.09
CA PRO C 117 -5.02 -5.90 9.11
C PRO C 117 -5.19 -5.41 10.53
N GLU C 118 -5.48 -4.12 10.73
CA GLU C 118 -5.63 -3.60 12.09
C GLU C 118 -6.88 -4.12 12.77
N GLU C 119 -7.85 -4.66 12.01
CA GLU C 119 -9.09 -5.19 12.54
C GLU C 119 -9.10 -6.72 12.55
N LEU C 120 -7.95 -7.34 12.75
CA LEU C 120 -7.83 -8.79 12.78
C LEU C 120 -7.29 -9.25 14.13
N ARG C 121 -7.79 -10.39 14.60
CA ARG C 121 -7.36 -11.00 15.85
C ARG C 121 -6.60 -12.28 15.58
N PRO C 122 -5.69 -12.69 16.48
CA PRO C 122 -4.94 -13.94 16.26
C PRO C 122 -5.82 -15.17 16.19
N GLU C 123 -7.05 -15.11 16.68
CA GLU C 123 -7.97 -16.24 16.61
C GLU C 123 -8.55 -16.45 15.22
N ASP C 124 -8.29 -15.54 14.28
CA ASP C 124 -8.85 -15.63 12.94
C ASP C 124 -7.92 -16.29 11.93
N PHE C 125 -6.61 -16.23 12.13
CA PHE C 125 -5.66 -16.77 11.16
C PHE C 125 -4.63 -17.70 11.77
N VAL C 126 -4.63 -17.90 13.10
CA VAL C 126 -3.74 -18.84 13.75
C VAL C 126 -4.57 -19.90 14.45
N PHE C 127 -4.16 -21.16 14.31
CA PHE C 127 -4.89 -22.28 14.86
C PHE C 127 -3.92 -23.28 15.47
N GLU C 128 -4.29 -23.83 16.62
CA GLU C 128 -3.46 -24.79 17.34
C GLU C 128 -3.73 -26.18 16.78
N GLY C 129 -2.74 -26.75 16.12
CA GLY C 129 -2.85 -28.06 15.50
C GLY C 129 -2.46 -29.17 16.45
N PHE C 130 -1.97 -30.27 15.86
CA PHE C 130 -1.62 -31.45 16.63
C PHE C 130 -0.46 -31.16 17.58
N ASN C 131 -0.64 -31.53 18.85
CA ASN C 131 0.40 -31.45 19.88
C ASN C 131 0.91 -30.02 20.04
N GLY C 132 0.00 -29.05 19.91
CA GLY C 132 0.36 -27.65 20.13
C GLY C 132 1.07 -26.96 18.99
N VAL C 133 1.15 -27.59 17.82
CA VAL C 133 1.79 -26.95 16.67
C VAL C 133 0.87 -25.87 16.14
N MET C 134 1.32 -24.62 16.21
CA MET C 134 0.53 -23.52 15.66
C MET C 134 0.61 -23.54 14.14
N CYS C 135 -0.54 -23.43 13.49
CA CYS C 135 -0.65 -23.57 12.05
C CYS C 135 -1.16 -22.27 11.43
N VAL C 136 -0.52 -21.83 10.36
CA VAL C 136 -0.92 -20.63 9.63
C VAL C 136 -0.80 -20.92 8.13
N GLU C 137 -1.85 -20.64 7.38
CA GLU C 137 -1.85 -20.77 5.93
C GLU C 137 -1.90 -19.39 5.31
N ALA C 138 -0.85 -19.01 4.59
CA ALA C 138 -0.81 -17.71 3.95
C ALA C 138 -1.81 -17.62 2.80
N GLY C 139 -2.08 -18.74 2.13
CA GLY C 139 -3.00 -18.74 1.01
C GLY C 139 -2.37 -18.23 -0.27
N GLY C 140 -2.89 -18.66 -1.42
CA GLY C 140 -2.36 -18.24 -2.69
C GLY C 140 -2.70 -16.80 -3.00
N PRO C 141 -1.91 -16.17 -3.86
CA PRO C 141 -2.21 -14.79 -4.28
C PRO C 141 -3.53 -14.74 -5.04
N PRO C 142 -4.18 -13.58 -5.09
CA PRO C 142 -5.44 -13.49 -5.83
C PRO C 142 -5.27 -13.88 -7.28
N ALA C 143 -6.25 -14.62 -7.80
CA ALA C 143 -6.15 -15.17 -9.15
C ALA C 143 -6.12 -14.06 -10.19
N GLY C 144 -5.20 -14.16 -11.13
CA GLY C 144 -5.05 -13.19 -12.20
C GLY C 144 -4.17 -12.01 -11.89
N THR C 145 -4.27 -11.50 -10.67
CA THR C 145 -3.43 -10.38 -10.23
C THR C 145 -3.17 -10.52 -8.74
N GLY C 146 -1.91 -10.36 -8.35
CA GLY C 146 -1.49 -10.57 -6.98
C GLY C 146 -0.18 -11.33 -6.97
N CYS C 147 0.66 -11.03 -6.00
CA CYS C 147 2.00 -11.58 -5.93
C CYS C 147 2.13 -12.57 -4.78
N GLY C 148 3.02 -13.54 -4.95
CA GLY C 148 3.29 -14.48 -3.88
C GLY C 148 4.02 -13.84 -2.71
N GLY C 149 4.91 -12.89 -3.01
CA GLY C 149 5.61 -12.16 -1.96
C GLY C 149 4.71 -11.24 -1.16
N TYR C 150 3.55 -10.87 -1.70
CA TYR C 150 2.61 -10.04 -0.97
C TYR C 150 1.98 -10.81 0.19
N VAL C 151 1.41 -11.97 -0.09
CA VAL C 151 0.76 -12.75 0.95
C VAL C 151 1.79 -13.27 1.95
N VAL C 152 3.03 -13.52 1.51
CA VAL C 152 4.07 -13.93 2.45
C VAL C 152 4.53 -12.74 3.28
N GLY C 153 4.70 -11.58 2.65
CA GLY C 153 5.09 -10.40 3.40
C GLY C 153 4.00 -9.93 4.35
N GLN C 154 2.73 -10.04 3.91
CA GLN C 154 1.63 -9.66 4.78
C GLN C 154 1.47 -10.61 5.95
N THR C 155 1.80 -11.89 5.75
CA THR C 155 1.70 -12.86 6.85
C THR C 155 2.74 -12.58 7.92
N VAL C 156 4.00 -12.36 7.51
CA VAL C 156 5.05 -12.07 8.48
C VAL C 156 4.76 -10.76 9.21
N LYS C 157 4.21 -9.77 8.50
CA LYS C 157 3.83 -8.52 9.15
C LYS C 157 2.74 -8.76 10.20
N LEU C 158 1.75 -9.60 9.88
CA LEU C 158 0.67 -9.85 10.81
C LEU C 158 1.12 -10.69 12.00
N LEU C 159 2.13 -11.55 11.81
CA LEU C 159 2.64 -12.35 12.92
C LEU C 159 3.38 -11.49 13.93
N LYS C 160 4.31 -10.66 13.46
CA LYS C 160 5.06 -9.79 14.35
C LYS C 160 4.17 -8.76 15.04
N GLN C 161 3.01 -8.43 14.44
CA GLN C 161 2.12 -7.47 15.06
C GLN C 161 1.48 -8.03 16.32
N HIS C 162 1.32 -9.35 16.40
CA HIS C 162 0.69 -10.00 17.55
C HIS C 162 1.68 -10.83 18.35
N HIS C 163 2.98 -10.72 18.07
CA HIS C 163 4.03 -11.41 18.83
C HIS C 163 3.83 -12.93 18.81
N LEU C 164 3.35 -13.44 17.67
CA LEU C 164 3.16 -14.88 17.52
C LEU C 164 4.47 -15.62 17.25
N LEU C 165 5.57 -14.89 17.04
CA LEU C 165 6.87 -15.50 16.85
C LEU C 165 7.70 -15.56 18.13
N ASP C 166 7.33 -14.79 19.15
CA ASP C 166 8.07 -14.81 20.40
C ASP C 166 7.85 -16.11 21.16
N ASP C 167 6.61 -16.59 21.19
CA ASP C 167 6.27 -17.85 21.84
C ASP C 167 6.57 -19.07 20.96
N THR C 168 7.49 -18.95 20.01
CA THR C 168 7.82 -20.01 19.09
C THR C 168 9.32 -20.26 19.12
N ASP C 169 9.71 -21.54 19.07
CA ASP C 169 11.10 -21.93 19.07
C ASP C 169 11.62 -22.30 17.69
N VAL C 170 10.74 -22.72 16.77
CA VAL C 170 11.14 -23.12 15.43
C VAL C 170 9.98 -22.86 14.48
N VAL C 171 10.29 -22.25 13.33
CA VAL C 171 9.29 -21.95 12.30
C VAL C 171 9.61 -22.77 11.06
N ILE C 172 8.58 -23.33 10.45
CA ILE C 172 8.73 -24.18 9.27
C ILE C 172 7.86 -23.62 8.15
N PHE C 173 8.50 -23.19 7.07
CA PHE C 173 7.80 -22.70 5.89
C PHE C 173 7.55 -23.84 4.91
N ASP C 174 6.31 -23.94 4.43
CA ASP C 174 5.95 -24.87 3.36
C ASP C 174 5.85 -24.05 2.08
N VAL C 175 6.90 -24.12 1.26
CA VAL C 175 7.06 -23.27 0.09
C VAL C 175 6.81 -24.09 -1.17
N LEU C 176 6.02 -23.55 -2.08
CA LEU C 176 5.76 -24.21 -3.36
C LEU C 176 6.98 -24.08 -4.28
N GLY C 177 7.41 -25.19 -4.86
CA GLY C 177 8.53 -25.21 -5.77
C GLY C 177 8.20 -25.38 -7.24
N ASP C 178 6.93 -25.25 -7.63
CA ASP C 178 6.59 -25.33 -9.05
C ASP C 178 7.29 -24.25 -9.86
N VAL C 179 7.47 -23.07 -9.26
CA VAL C 179 8.21 -21.97 -9.88
C VAL C 179 9.17 -21.40 -8.84
N VAL C 180 10.27 -20.84 -9.32
CA VAL C 180 11.30 -20.30 -8.43
C VAL C 180 11.43 -18.80 -8.65
N CYS C 181 10.31 -18.14 -8.94
CA CYS C 181 10.30 -16.70 -9.13
C CYS C 181 10.59 -15.99 -7.81
N GLY C 182 10.75 -14.66 -7.88
CA GLY C 182 11.08 -13.90 -6.70
C GLY C 182 9.97 -13.83 -5.68
N GLY C 183 8.71 -13.94 -6.13
CA GLY C 183 7.58 -13.85 -5.23
C GLY C 183 7.39 -15.08 -4.35
N PHE C 184 7.30 -16.26 -4.96
CA PHE C 184 7.11 -17.47 -4.18
C PHE C 184 8.37 -17.91 -3.44
N ALA C 185 9.53 -17.38 -3.81
CA ALA C 185 10.77 -17.63 -3.09
C ALA C 185 11.00 -16.61 -1.97
N ALA C 186 9.99 -15.81 -1.65
CA ALA C 186 10.12 -14.86 -0.54
C ALA C 186 10.41 -15.53 0.80
N PRO C 187 9.85 -16.69 1.14
CA PRO C 187 10.26 -17.35 2.40
C PRO C 187 11.74 -17.69 2.46
N LEU C 188 12.48 -17.59 1.36
CA LEU C 188 13.91 -17.85 1.37
C LEU C 188 14.68 -16.63 1.87
N GLN C 189 13.98 -15.70 2.52
CA GLN C 189 14.60 -14.53 3.13
C GLN C 189 14.63 -14.59 4.65
N HIS C 190 13.83 -15.47 5.26
CA HIS C 190 13.79 -15.60 6.71
C HIS C 190 14.31 -16.94 7.20
N ALA C 191 14.58 -17.90 6.31
CA ALA C 191 14.95 -19.25 6.71
C ALA C 191 16.45 -19.38 6.94
N ASP C 192 16.81 -20.32 7.80
CA ASP C 192 18.20 -20.67 8.02
C ASP C 192 18.65 -21.79 7.08
N GLN C 193 17.87 -22.86 7.01
CA GLN C 193 18.12 -23.97 6.10
C GLN C 193 16.91 -24.17 5.20
N ALA C 194 17.16 -24.75 4.03
CA ALA C 194 16.11 -25.03 3.05
C ALA C 194 16.20 -26.50 2.66
N VAL C 195 15.21 -27.28 3.08
CA VAL C 195 15.14 -28.70 2.74
C VAL C 195 14.39 -28.86 1.43
N VAL C 196 14.90 -29.74 0.57
CA VAL C 196 14.32 -29.97 -0.75
C VAL C 196 13.55 -31.28 -0.75
N VAL C 197 12.39 -31.27 -1.40
CA VAL C 197 11.58 -32.46 -1.58
C VAL C 197 11.52 -32.78 -3.07
N THR C 198 11.85 -34.03 -3.42
CA THR C 198 11.91 -34.43 -4.81
C THR C 198 11.64 -35.93 -4.92
N ALA C 199 11.67 -36.43 -6.14
CA ALA C 199 11.43 -37.85 -6.40
C ALA C 199 12.19 -38.23 -7.67
N ASN C 200 11.94 -39.45 -8.16
CA ASN C 200 12.61 -39.94 -9.35
C ASN C 200 12.05 -39.34 -10.65
N ASP C 201 10.97 -38.55 -10.57
CA ASP C 201 10.40 -37.96 -11.76
C ASP C 201 11.35 -36.92 -12.36
N PHE C 202 11.15 -36.62 -13.64
CA PHE C 202 11.98 -35.63 -14.30
C PHE C 202 11.65 -34.22 -13.83
N ASP C 203 10.36 -33.92 -13.67
CA ASP C 203 9.96 -32.59 -13.23
C ASP C 203 10.39 -32.31 -11.79
N SER C 204 10.47 -33.35 -10.96
CA SER C 204 10.92 -33.17 -9.59
C SER C 204 12.40 -32.80 -9.55
N ILE C 205 13.22 -33.48 -10.34
CA ILE C 205 14.65 -33.17 -10.38
C ILE C 205 14.88 -31.82 -11.06
N TYR C 206 14.13 -31.53 -12.13
CA TYR C 206 14.26 -30.24 -12.80
C TYR C 206 13.84 -29.10 -11.88
N ALA C 207 12.80 -29.32 -11.07
CA ALA C 207 12.44 -28.32 -10.07
C ALA C 207 13.50 -28.20 -8.99
N MET C 208 14.09 -29.34 -8.59
CA MET C 208 15.16 -29.30 -7.61
C MET C 208 16.38 -28.56 -8.17
N ASN C 209 16.64 -28.71 -9.47
CA ASN C 209 17.73 -27.97 -10.09
C ASN C 209 17.48 -26.46 -10.04
N ARG C 210 16.22 -26.04 -10.17
CA ARG C 210 15.91 -24.62 -10.11
C ARG C 210 15.73 -24.14 -8.68
N ILE C 211 15.33 -25.02 -7.76
CA ILE C 211 15.25 -24.65 -6.35
C ILE C 211 16.66 -24.43 -5.80
N ILE C 212 17.60 -25.31 -6.14
CA ILE C 212 18.98 -25.12 -5.75
C ILE C 212 19.52 -23.80 -6.31
N ALA C 213 19.22 -23.51 -7.57
CA ALA C 213 19.64 -22.25 -8.17
C ALA C 213 18.95 -21.06 -7.51
N ALA C 214 17.74 -21.25 -7.00
CA ALA C 214 17.03 -20.15 -6.37
C ALA C 214 17.61 -19.83 -4.99
N VAL C 215 18.00 -20.86 -4.24
CA VAL C 215 18.57 -20.63 -2.90
C VAL C 215 19.97 -20.04 -3.02
N GLN C 216 20.74 -20.46 -4.03
CA GLN C 216 22.07 -19.88 -4.23
C GLN C 216 21.99 -18.41 -4.56
N ALA C 217 20.88 -17.96 -5.18
CA ALA C 217 20.72 -16.55 -5.47
C ALA C 217 20.31 -15.77 -4.23
N LYS C 218 19.50 -16.37 -3.37
CA LYS C 218 19.10 -15.71 -2.13
C LYS C 218 20.23 -15.69 -1.10
N SER C 219 21.17 -16.63 -1.18
CA SER C 219 22.27 -16.69 -0.24
C SER C 219 23.27 -15.56 -0.44
N LYS C 220 23.18 -14.81 -1.52
CA LYS C 220 24.10 -13.70 -1.76
C LYS C 220 23.82 -12.51 -0.85
N ASN C 221 22.60 -12.40 -0.32
CA ASN C 221 22.26 -11.29 0.57
C ASN C 221 21.40 -11.73 1.75
N TYR C 222 21.32 -13.03 2.02
CA TYR C 222 20.55 -13.54 3.14
C TYR C 222 21.27 -14.73 3.75
N LYS C 223 21.05 -14.94 5.05
CA LYS C 223 21.69 -16.03 5.78
C LYS C 223 20.92 -17.34 5.58
N VAL C 224 20.86 -17.78 4.32
CA VAL C 224 20.12 -18.95 3.91
C VAL C 224 21.07 -19.91 3.21
N ARG C 225 21.01 -21.18 3.59
CA ARG C 225 21.86 -22.21 3.00
C ARG C 225 21.01 -23.42 2.64
N LEU C 226 21.60 -24.33 1.87
CA LEU C 226 20.93 -25.56 1.47
C LEU C 226 21.28 -26.68 2.43
N ALA C 227 20.27 -27.34 2.97
CA ALA C 227 20.48 -28.44 3.89
C ALA C 227 20.52 -29.80 3.22
N GLY C 228 19.89 -29.94 2.05
CA GLY C 228 19.85 -31.18 1.33
C GLY C 228 18.47 -31.42 0.77
N CYS C 229 18.27 -32.61 0.20
CA CYS C 229 17.01 -32.99 -0.39
C CYS C 229 16.47 -34.24 0.29
N VAL C 230 15.16 -34.47 0.13
CA VAL C 230 14.46 -35.61 0.69
C VAL C 230 13.73 -36.32 -0.43
N ALA C 231 13.96 -37.62 -0.57
CA ALA C 231 13.31 -38.42 -1.59
C ALA C 231 13.16 -39.87 -1.15
N THR C 237 15.03 -44.38 -5.93
CA THR C 237 15.80 -43.20 -5.54
C THR C 237 17.16 -43.19 -6.23
N ASP C 238 17.23 -43.80 -7.41
CA ASP C 238 18.48 -43.88 -8.15
C ASP C 238 18.71 -42.66 -9.04
N GLU C 239 17.65 -42.13 -9.66
CA GLU C 239 17.82 -40.96 -10.51
C GLU C 239 18.16 -39.71 -9.70
N VAL C 240 17.59 -39.59 -8.49
CA VAL C 240 17.86 -38.41 -7.68
C VAL C 240 19.27 -38.45 -7.12
N ASP C 241 19.80 -39.64 -6.84
CA ASP C 241 21.16 -39.75 -6.32
C ASP C 241 22.19 -39.39 -7.40
N ARG C 242 21.88 -39.66 -8.66
CA ARG C 242 22.79 -39.26 -9.73
C ARG C 242 22.87 -37.75 -9.87
N PHE C 243 21.76 -37.05 -9.62
CA PHE C 243 21.78 -35.59 -9.67
C PHE C 243 22.61 -35.01 -8.54
N CYS C 244 22.54 -35.64 -7.36
CA CYS C 244 23.31 -35.14 -6.22
C CYS C 244 24.82 -35.30 -6.43
N LYS C 245 25.23 -36.37 -7.13
CA LYS C 245 26.65 -36.55 -7.41
C LYS C 245 27.13 -35.55 -8.47
N GLU C 246 26.30 -35.30 -9.49
CA GLU C 246 26.69 -34.36 -10.53
C GLU C 246 26.68 -32.92 -10.03
N THR C 247 25.86 -32.62 -9.02
CA THR C 247 25.73 -31.26 -8.50
C THR C 247 26.39 -31.06 -7.15
N ASN C 248 27.10 -32.08 -6.64
CA ASN C 248 27.73 -32.02 -5.32
C ASN C 248 26.70 -31.70 -4.24
N PHE C 249 25.56 -32.37 -4.32
CA PHE C 249 24.45 -32.15 -3.39
C PHE C 249 24.45 -33.26 -2.33
N ARG C 250 23.48 -33.19 -1.44
CA ARG C 250 23.39 -34.11 -0.30
C ARG C 250 21.95 -34.56 -0.14
N ARG C 251 21.73 -35.88 -0.12
CA ARG C 251 20.43 -36.45 0.18
C ARG C 251 20.38 -36.82 1.64
N LEU C 252 19.29 -36.46 2.32
CA LEU C 252 19.18 -36.64 3.76
C LEU C 252 18.66 -38.03 4.11
N ALA C 253 17.35 -38.16 4.31
CA ALA C 253 16.74 -39.39 4.75
C ALA C 253 15.83 -39.97 3.67
N HIS C 254 15.25 -41.13 3.98
CA HIS C 254 14.34 -41.82 3.07
C HIS C 254 13.20 -42.42 3.89
N MET C 255 11.99 -41.96 3.62
CA MET C 255 10.82 -42.41 4.38
C MET C 255 10.26 -43.72 3.84
N ILE C 261 1.79 -47.30 3.48
CA ILE C 261 1.25 -46.02 3.93
C ILE C 261 0.48 -45.36 2.79
N ARG C 262 -0.81 -45.66 2.71
CA ARG C 262 -1.64 -45.09 1.64
C ARG C 262 -1.85 -43.59 1.86
N ARG C 263 -2.18 -42.90 0.78
CA ARG C 263 -2.37 -41.45 0.84
C ARG C 263 -3.61 -41.06 1.64
N SER C 264 -4.58 -41.96 1.79
CA SER C 264 -5.78 -41.64 2.57
C SER C 264 -5.43 -41.39 4.03
N ARG C 265 -4.60 -42.25 4.62
CA ARG C 265 -4.13 -42.03 5.98
C ARG C 265 -3.08 -40.92 6.03
N LEU C 266 -2.27 -40.80 4.98
CA LEU C 266 -1.23 -39.77 4.94
C LEU C 266 -1.82 -38.37 4.86
N LYS C 267 -3.02 -38.22 4.29
CA LYS C 267 -3.64 -36.92 4.11
C LYS C 267 -4.81 -36.69 5.07
N LYS C 268 -4.96 -37.54 6.08
CA LYS C 268 -6.00 -37.38 7.10
C LYS C 268 -5.44 -37.10 8.48
N LYS C 269 -4.36 -37.77 8.86
CA LYS C 269 -3.68 -37.55 10.13
C LYS C 269 -2.19 -37.48 9.88
N THR C 270 -1.46 -37.03 10.90
CA THR C 270 -0.01 -37.10 10.87
C THR C 270 0.45 -38.50 11.27
N LEU C 271 1.69 -38.83 10.91
CA LEU C 271 2.24 -40.13 11.28
C LEU C 271 2.26 -40.33 12.78
N PHE C 272 2.37 -39.25 13.55
CA PHE C 272 2.40 -39.31 15.00
C PHE C 272 1.01 -39.45 15.62
N GLU C 273 -0.03 -39.63 14.79
CA GLU C 273 -1.38 -39.91 15.27
C GLU C 273 -1.92 -41.25 14.81
N MET C 274 -1.26 -41.91 13.85
CA MET C 274 -1.73 -43.20 13.36
C MET C 274 -1.45 -44.30 14.38
N ASP C 275 -2.00 -45.48 14.11
CA ASP C 275 -1.75 -46.62 14.96
C ASP C 275 -0.30 -47.07 14.83
N GLU C 276 0.26 -47.56 15.93
CA GLU C 276 1.68 -47.89 16.01
C GLU C 276 1.91 -49.27 15.42
N ASP C 277 2.33 -49.32 14.16
CA ASP C 277 2.75 -50.55 13.51
C ASP C 277 4.17 -50.38 13.00
N GLN C 278 4.62 -51.35 12.19
CA GLN C 278 6.01 -51.34 11.74
C GLN C 278 6.33 -50.17 10.83
N ASP C 279 5.48 -49.93 9.82
CA ASP C 279 5.80 -48.91 8.83
C ASP C 279 5.67 -47.50 9.41
N VAL C 280 4.70 -47.29 10.29
CA VAL C 280 4.50 -45.96 10.86
C VAL C 280 5.63 -45.61 11.82
N LEU C 281 5.97 -46.54 12.72
CA LEU C 281 7.05 -46.30 13.66
C LEU C 281 8.38 -46.05 12.96
N ALA C 282 8.61 -46.74 11.83
CA ALA C 282 9.82 -46.49 11.06
C ALA C 282 9.77 -45.12 10.39
N ALA C 283 8.60 -44.73 9.89
CA ALA C 283 8.46 -43.42 9.26
C ALA C 283 8.49 -42.30 10.29
N ARG C 284 7.99 -42.54 11.50
CA ARG C 284 8.05 -41.53 12.55
C ARG C 284 9.49 -41.28 13.00
N ALA C 285 10.32 -42.32 13.01
CA ALA C 285 11.71 -42.15 13.43
C ALA C 285 12.52 -41.34 12.42
N GLU C 286 12.13 -41.39 11.15
CA GLU C 286 12.89 -40.67 10.13
C GLU C 286 12.67 -39.16 10.23
N TYR C 287 11.50 -38.73 10.67
CA TYR C 287 11.27 -37.31 10.85
C TYR C 287 11.86 -36.81 12.17
N ILE C 288 11.95 -37.67 13.18
CA ILE C 288 12.68 -37.29 14.39
C ILE C 288 14.16 -37.11 14.08
N ARG C 289 14.71 -37.98 13.23
CA ARG C 289 16.10 -37.81 12.80
C ARG C 289 16.27 -36.54 11.97
N LEU C 290 15.29 -36.23 11.12
CA LEU C 290 15.37 -35.02 10.31
C LEU C 290 15.23 -33.77 11.17
N ALA C 291 14.37 -33.82 12.20
CA ALA C 291 14.24 -32.69 13.10
C ALA C 291 15.49 -32.51 13.96
N GLU C 292 16.17 -33.61 14.30
CA GLU C 292 17.39 -33.50 15.09
C GLU C 292 18.55 -33.00 14.24
N SER C 293 18.68 -33.50 13.01
CA SER C 293 19.77 -33.06 12.14
C SER C 293 19.68 -31.56 11.84
N LEU C 294 18.47 -31.03 11.74
CA LEU C 294 18.33 -29.60 11.46
C LEU C 294 18.60 -28.75 12.70
N TRP C 295 18.08 -29.17 13.86
CA TRP C 295 18.26 -28.38 15.08
C TRP C 295 19.70 -28.42 15.55
N ARG C 296 20.36 -29.57 15.44
CA ARG C 296 21.77 -29.67 15.82
C ARG C 296 22.67 -28.88 14.90
N GLY C 297 22.23 -28.62 13.67
CA GLY C 297 23.04 -27.88 12.71
C GLY C 297 23.81 -28.79 11.78
N LEU C 298 23.46 -28.77 10.49
CA LEU C 298 24.14 -29.59 9.50
C LEU C 298 25.42 -28.92 9.02
N ASP C 299 26.35 -29.74 8.56
CA ASP C 299 27.59 -29.20 8.02
C ASP C 299 27.31 -28.47 6.71
N PRO C 300 28.01 -27.37 6.44
CA PRO C 300 27.73 -26.60 5.23
C PRO C 300 28.13 -27.37 3.97
N ILE C 301 27.19 -27.46 3.04
CA ILE C 301 27.41 -28.10 1.75
C ILE C 301 27.53 -27.01 0.69
N ASP C 302 28.26 -27.31 -0.39
CA ASP C 302 28.50 -26.37 -1.48
C ASP C 302 28.08 -27.02 -2.80
N PRO C 303 26.79 -27.04 -3.09
CA PRO C 303 26.33 -27.59 -4.37
C PRO C 303 26.24 -26.51 -5.45
N HIS C 304 26.03 -26.96 -6.68
CA HIS C 304 25.90 -26.08 -7.82
C HIS C 304 24.74 -26.56 -8.71
N SER C 305 24.04 -25.60 -9.30
CA SER C 305 22.96 -25.94 -10.22
C SER C 305 23.53 -26.27 -11.60
N LEU C 306 22.66 -26.77 -12.47
CA LEU C 306 23.05 -27.15 -13.82
C LEU C 306 22.26 -26.35 -14.84
N PRO C 307 22.82 -26.13 -16.04
CA PRO C 307 22.01 -25.57 -17.13
C PRO C 307 20.81 -26.45 -17.43
N ASP C 308 19.72 -25.80 -17.85
CA ASP C 308 18.47 -26.53 -18.07
C ASP C 308 18.63 -27.61 -19.14
N ARG C 309 19.55 -27.42 -20.08
CA ARG C 309 19.75 -28.42 -21.12
C ARG C 309 20.38 -29.69 -20.57
N GLU C 310 21.22 -29.57 -19.54
CA GLU C 310 21.85 -30.74 -18.96
C GLU C 310 20.89 -31.61 -18.17
N ILE C 311 19.75 -31.07 -17.75
CA ILE C 311 18.78 -31.87 -17.02
C ILE C 311 18.12 -32.89 -17.95
N PHE C 312 17.79 -32.47 -19.19
CA PHE C 312 17.24 -33.40 -20.16
C PHE C 312 18.22 -34.52 -20.48
N GLU C 313 19.52 -34.21 -20.50
CA GLU C 313 20.53 -35.23 -20.75
C GLU C 313 20.81 -36.07 -19.51
N LEU C 314 20.58 -35.51 -18.32
CA LEU C 314 20.78 -36.19 -17.03
C LEU C 314 22.05 -37.03 -16.98
N GLY D 51 -3.69 -6.75 -33.92
CA GLY D 51 -2.78 -7.79 -34.37
C GLY D 51 -3.49 -8.99 -34.97
N ALA D 52 -3.30 -10.15 -34.35
CA ALA D 52 -3.88 -11.39 -34.83
C ALA D 52 -4.63 -12.07 -33.69
N LYS D 53 -5.31 -13.17 -34.02
CA LYS D 53 -6.04 -13.94 -33.02
C LYS D 53 -5.05 -14.65 -32.10
N VAL D 54 -5.16 -14.39 -30.80
CA VAL D 54 -4.22 -14.91 -29.81
C VAL D 54 -4.96 -15.90 -28.91
N PHE D 55 -4.45 -17.12 -28.87
CA PHE D 55 -4.98 -18.16 -27.99
C PHE D 55 -3.95 -18.50 -26.92
N ALA D 56 -4.41 -18.74 -25.70
CA ALA D 56 -3.56 -19.04 -24.55
C ALA D 56 -3.90 -20.43 -24.03
N VAL D 57 -2.96 -21.36 -24.18
CA VAL D 57 -3.11 -22.71 -23.66
C VAL D 57 -2.64 -22.70 -22.21
N TYR D 58 -3.58 -22.80 -21.28
CA TYR D 58 -3.33 -22.70 -19.85
C TYR D 58 -3.48 -24.08 -19.22
N GLY D 59 -2.40 -24.59 -18.64
CA GLY D 59 -2.43 -25.93 -18.08
C GLY D 59 -1.48 -26.06 -16.91
N LYS D 60 -1.80 -27.03 -16.05
CA LYS D 60 -0.99 -27.28 -14.86
C LYS D 60 0.45 -27.62 -15.21
N GLY D 61 0.67 -28.32 -16.33
CA GLY D 61 1.99 -28.77 -16.67
C GLY D 61 2.22 -30.21 -16.27
N GLY D 62 2.84 -31.00 -17.15
CA GLY D 62 2.98 -32.42 -16.94
C GLY D 62 1.81 -33.24 -17.42
N ILE D 63 0.74 -32.61 -17.89
CA ILE D 63 -0.41 -33.31 -18.43
C ILE D 63 -0.39 -33.29 -19.97
N GLY D 64 0.76 -33.06 -20.58
CA GLY D 64 0.82 -32.90 -22.01
C GLY D 64 0.38 -31.54 -22.49
N LYS D 65 0.58 -30.50 -21.69
CA LYS D 65 0.22 -29.15 -22.12
C LYS D 65 1.05 -28.72 -23.32
N SER D 66 2.33 -29.05 -23.33
CA SER D 66 3.18 -28.73 -24.48
C SER D 66 2.75 -29.52 -25.72
N THR D 67 2.19 -30.72 -25.52
CA THR D 67 1.69 -31.49 -26.65
C THR D 67 0.44 -30.85 -27.25
N THR D 68 -0.41 -30.26 -26.40
CA THR D 68 -1.64 -29.63 -26.89
C THR D 68 -1.34 -28.33 -27.61
N SER D 69 -0.40 -27.53 -27.09
CA SER D 69 -0.10 -26.25 -27.70
C SER D 69 0.68 -26.40 -28.99
N SER D 70 1.59 -27.37 -29.04
CA SER D 70 2.42 -27.55 -30.24
C SER D 70 1.61 -28.14 -31.39
N ASN D 71 0.75 -29.12 -31.10
CA ASN D 71 -0.07 -29.70 -32.16
C ASN D 71 -1.17 -28.74 -32.62
N LEU D 72 -1.61 -27.84 -31.74
CA LEU D 72 -2.54 -26.81 -32.16
C LEU D 72 -1.87 -25.77 -33.04
N SER D 73 -0.57 -25.51 -32.80
CA SER D 73 0.18 -24.62 -33.69
C SER D 73 0.41 -25.27 -35.04
N ALA D 74 0.69 -26.58 -35.06
CA ALA D 74 0.86 -27.28 -36.33
C ALA D 74 -0.47 -27.44 -37.05
N ALA D 75 -1.57 -27.58 -36.31
CA ALA D 75 -2.88 -27.69 -36.95
C ALA D 75 -3.26 -26.41 -37.67
N PHE D 76 -3.02 -25.26 -37.04
CA PHE D 76 -3.31 -23.99 -37.70
C PHE D 76 -2.43 -23.75 -38.92
N SER D 77 -1.21 -24.29 -38.91
CA SER D 77 -0.33 -24.12 -40.07
C SER D 77 -0.85 -24.91 -41.27
N ILE D 78 -1.35 -26.12 -41.04
CA ILE D 78 -1.93 -26.90 -42.13
C ILE D 78 -3.18 -26.21 -42.67
N LEU D 79 -3.89 -25.48 -41.81
CA LEU D 79 -5.05 -24.71 -42.26
C LEU D 79 -4.68 -23.46 -43.05
N GLY D 80 -3.39 -23.20 -43.24
CA GLY D 80 -2.96 -22.06 -44.02
C GLY D 80 -2.75 -20.79 -43.24
N LYS D 81 -2.43 -20.89 -41.95
CA LYS D 81 -2.20 -19.73 -41.10
C LYS D 81 -0.74 -19.66 -40.69
N ARG D 82 -0.23 -18.43 -40.56
CA ARG D 82 1.09 -18.20 -40.01
C ARG D 82 0.99 -18.20 -38.48
N VAL D 83 1.65 -19.17 -37.84
CA VAL D 83 1.51 -19.41 -36.42
C VAL D 83 2.81 -19.05 -35.71
N LEU D 84 2.68 -18.37 -34.57
CA LEU D 84 3.81 -18.11 -33.68
C LEU D 84 3.46 -18.62 -32.30
N GLN D 85 4.21 -19.61 -31.82
CA GLN D 85 3.99 -20.20 -30.51
C GLN D 85 5.01 -19.63 -29.53
N ILE D 86 4.52 -19.01 -28.46
CA ILE D 86 5.35 -18.42 -27.43
C ILE D 86 5.25 -19.31 -26.19
N GLY D 87 6.33 -20.04 -25.89
CA GLY D 87 6.36 -20.88 -24.71
C GLY D 87 6.78 -20.12 -23.46
N CYS D 88 5.88 -20.01 -22.50
CA CYS D 88 6.14 -19.28 -21.26
C CYS D 88 6.42 -20.20 -20.07
N ASP D 89 6.46 -21.50 -20.29
CA ASP D 89 6.72 -22.43 -19.19
C ASP D 89 8.18 -22.32 -18.76
N PRO D 90 8.47 -22.27 -17.46
CA PRO D 90 9.88 -22.21 -17.04
C PRO D 90 10.71 -23.38 -17.52
N LYS D 91 10.10 -24.56 -17.74
CA LYS D 91 10.82 -25.67 -18.35
C LYS D 91 11.23 -25.36 -19.78
N HIS D 92 10.51 -24.44 -20.44
CA HIS D 92 10.84 -23.91 -21.77
C HIS D 92 11.16 -25.03 -22.76
N ASP D 93 10.21 -25.95 -22.91
CA ASP D 93 10.33 -27.06 -23.85
C ASP D 93 9.05 -27.30 -24.61
N SER D 94 8.21 -26.26 -24.72
CA SER D 94 6.94 -26.40 -25.43
C SER D 94 7.13 -26.53 -26.92
N THR D 95 8.14 -25.86 -27.48
CA THR D 95 8.38 -25.87 -28.92
C THR D 95 9.44 -26.91 -29.32
N PHE D 96 9.71 -27.89 -28.46
CA PHE D 96 10.68 -28.92 -28.81
C PHE D 96 10.17 -29.82 -29.93
N THR D 97 8.89 -30.20 -29.87
CA THR D 97 8.30 -31.03 -30.91
C THR D 97 8.12 -30.29 -32.23
N LEU D 98 8.29 -28.97 -32.23
CA LEU D 98 8.16 -28.18 -33.46
C LEU D 98 9.50 -27.96 -34.14
N THR D 99 10.56 -27.71 -33.38
CA THR D 99 11.88 -27.45 -33.93
C THR D 99 12.83 -28.64 -33.80
N GLY D 100 12.47 -29.66 -33.03
CA GLY D 100 13.36 -30.79 -32.84
C GLY D 100 14.62 -30.49 -32.06
N SER D 101 14.65 -29.38 -31.32
CA SER D 101 15.82 -28.98 -30.57
C SER D 101 15.37 -28.07 -29.42
N LEU D 102 16.28 -27.87 -28.47
CA LEU D 102 16.03 -26.99 -27.34
C LEU D 102 16.30 -25.55 -27.77
N VAL D 103 15.26 -24.75 -27.88
CA VAL D 103 15.39 -23.38 -28.36
C VAL D 103 16.04 -22.53 -27.28
N PRO D 104 17.06 -21.73 -27.61
CA PRO D 104 17.60 -20.77 -26.63
C PRO D 104 16.51 -19.78 -26.21
N THR D 105 16.28 -19.70 -24.91
CA THR D 105 15.18 -18.89 -24.40
C THR D 105 15.52 -17.40 -24.49
N VAL D 106 14.47 -16.58 -24.46
CA VAL D 106 14.66 -15.14 -24.54
C VAL D 106 15.41 -14.61 -23.33
N ILE D 107 15.14 -15.20 -22.15
CA ILE D 107 15.85 -14.77 -20.95
C ILE D 107 17.32 -15.20 -21.01
N ASP D 108 17.62 -16.28 -21.73
CA ASP D 108 19.01 -16.72 -21.88
C ASP D 108 19.82 -15.72 -22.70
N VAL D 109 19.36 -15.42 -23.90
CA VAL D 109 20.06 -14.45 -24.74
C VAL D 109 20.03 -13.06 -24.13
N LEU D 110 19.06 -12.77 -23.27
CA LEU D 110 19.03 -11.48 -22.59
C LEU D 110 20.08 -11.41 -21.48
N LYS D 111 20.44 -12.54 -20.89
CA LYS D 111 21.50 -12.55 -19.90
C LYS D 111 22.87 -12.42 -20.55
N ASP D 112 23.02 -12.88 -21.79
CA ASP D 112 24.28 -12.77 -22.50
C ASP D 112 24.52 -11.38 -23.07
N VAL D 113 23.56 -10.46 -22.94
CA VAL D 113 23.70 -9.09 -23.41
C VAL D 113 23.53 -8.10 -22.26
N ASP D 114 23.68 -8.57 -21.02
CA ASP D 114 23.56 -7.72 -19.83
C ASP D 114 22.20 -7.05 -19.76
N PHE D 115 21.15 -7.81 -20.07
CA PHE D 115 19.76 -7.33 -20.01
C PHE D 115 19.56 -6.08 -20.87
N HIS D 116 20.21 -6.06 -22.04
CA HIS D 116 20.02 -4.99 -23.02
C HIS D 116 19.19 -5.53 -24.17
N PRO D 117 17.88 -5.24 -24.22
CA PRO D 117 17.04 -5.81 -25.28
C PRO D 117 17.44 -5.36 -26.69
N GLU D 118 18.08 -4.20 -26.82
CA GLU D 118 18.46 -3.71 -28.14
C GLU D 118 19.51 -4.61 -28.79
N GLU D 119 20.40 -5.19 -27.99
CA GLU D 119 21.46 -6.05 -28.52
C GLU D 119 20.97 -7.38 -29.03
N LEU D 120 19.66 -7.62 -29.05
CA LEU D 120 19.10 -8.89 -29.50
C LEU D 120 18.58 -8.77 -30.92
N ARG D 121 18.63 -9.90 -31.64
CA ARG D 121 18.17 -10.02 -33.01
C ARG D 121 17.13 -11.12 -33.12
N PRO D 122 16.23 -11.04 -34.11
CA PRO D 122 15.25 -12.13 -34.29
C PRO D 122 15.88 -13.49 -34.50
N GLU D 123 17.08 -13.54 -35.07
CA GLU D 123 17.78 -14.81 -35.27
C GLU D 123 18.33 -15.38 -33.96
N ASP D 124 18.18 -14.66 -32.85
CA ASP D 124 18.71 -15.12 -31.56
C ASP D 124 17.65 -15.73 -30.66
N PHE D 125 16.36 -15.45 -30.90
CA PHE D 125 15.31 -15.99 -30.05
C PHE D 125 14.06 -16.40 -30.81
N VAL D 126 14.04 -16.29 -32.13
CA VAL D 126 12.93 -16.76 -32.96
C VAL D 126 13.47 -17.79 -33.93
N PHE D 127 12.85 -18.98 -33.92
CA PHE D 127 13.32 -20.10 -34.73
C PHE D 127 12.14 -20.73 -35.45
N GLU D 128 12.36 -21.11 -36.71
CA GLU D 128 11.31 -21.71 -37.53
C GLU D 128 11.22 -23.20 -37.27
N GLY D 129 10.00 -23.70 -37.14
CA GLY D 129 9.78 -25.10 -36.87
C GLY D 129 9.08 -25.85 -38.00
N PHE D 130 8.28 -26.84 -37.64
CA PHE D 130 7.58 -27.65 -38.62
C PHE D 130 6.55 -26.82 -39.38
N ASN D 131 6.55 -26.96 -40.71
CA ASN D 131 5.58 -26.30 -41.58
C ASN D 131 5.61 -24.77 -41.43
N GLY D 132 6.79 -24.23 -41.14
CA GLY D 132 6.95 -22.79 -41.04
C GLY D 132 6.39 -22.16 -39.78
N VAL D 133 6.11 -22.94 -38.75
CA VAL D 133 5.61 -22.39 -37.49
C VAL D 133 6.76 -21.72 -36.75
N MET D 134 6.64 -20.41 -36.55
CA MET D 134 7.66 -19.68 -35.80
C MET D 134 7.56 -20.02 -34.31
N CYS D 135 8.70 -20.27 -33.68
CA CYS D 135 8.76 -20.72 -32.30
C CYS D 135 9.61 -19.76 -31.48
N VAL D 136 9.02 -19.24 -30.40
CA VAL D 136 9.73 -18.39 -29.45
C VAL D 136 9.54 -18.99 -28.07
N GLU D 137 10.64 -19.19 -27.35
CA GLU D 137 10.62 -19.77 -26.01
C GLU D 137 11.04 -18.68 -25.03
N ALA D 138 10.10 -18.27 -24.16
CA ALA D 138 10.39 -17.18 -23.23
C ALA D 138 11.37 -17.61 -22.15
N GLY D 139 11.21 -18.82 -21.63
CA GLY D 139 12.03 -19.29 -20.53
C GLY D 139 11.55 -18.75 -19.20
N GLY D 140 12.00 -19.43 -18.14
CA GLY D 140 11.61 -19.06 -16.79
C GLY D 140 12.30 -17.80 -16.32
N PRO D 141 11.72 -17.15 -15.33
CA PRO D 141 12.36 -15.95 -14.74
C PRO D 141 13.64 -16.33 -14.02
N PRO D 142 14.50 -15.35 -13.74
CA PRO D 142 15.73 -15.65 -13.00
C PRO D 142 15.43 -16.32 -11.67
N ALA D 143 16.21 -17.34 -11.34
CA ALA D 143 15.97 -18.13 -10.14
C ALA D 143 16.14 -17.26 -8.89
N GLY D 144 15.15 -17.33 -8.00
CA GLY D 144 15.21 -16.61 -6.75
C GLY D 144 14.67 -15.20 -6.82
N THR D 145 14.86 -14.55 -7.96
CA THR D 145 14.39 -13.18 -8.15
C THR D 145 13.47 -13.10 -9.35
N GLY D 146 13.31 -11.90 -9.91
CA GLY D 146 12.55 -11.72 -11.14
C GLY D 146 11.07 -12.02 -10.99
N CYS D 147 10.35 -11.81 -12.08
CA CYS D 147 8.91 -12.02 -12.11
C CYS D 147 8.53 -12.67 -13.42
N GLY D 148 7.46 -13.46 -13.39
CA GLY D 148 6.98 -14.08 -14.61
C GLY D 148 6.44 -13.09 -15.61
N GLY D 149 5.92 -11.94 -15.13
CA GLY D 149 5.44 -10.91 -16.03
C GLY D 149 6.55 -10.15 -16.74
N TYR D 150 7.77 -10.21 -16.22
CA TYR D 150 8.90 -9.53 -16.86
C TYR D 150 9.35 -10.30 -18.10
N VAL D 151 9.58 -11.61 -17.97
CA VAL D 151 10.05 -12.39 -19.11
C VAL D 151 8.98 -12.43 -20.21
N VAL D 152 7.70 -12.44 -19.83
CA VAL D 152 6.64 -12.38 -20.82
C VAL D 152 6.57 -11.00 -21.44
N GLY D 153 6.72 -9.95 -20.63
CA GLY D 153 6.70 -8.60 -21.17
C GLY D 153 7.88 -8.31 -22.09
N GLN D 154 9.04 -8.85 -21.77
CA GLN D 154 10.22 -8.64 -22.62
C GLN D 154 10.09 -9.34 -23.96
N THR D 155 9.41 -10.50 -23.99
CA THR D 155 9.22 -11.20 -25.26
C THR D 155 8.29 -10.43 -26.18
N VAL D 156 7.17 -9.94 -25.66
CA VAL D 156 6.22 -9.21 -26.49
C VAL D 156 6.83 -7.92 -26.99
N LYS D 157 7.57 -7.22 -26.12
CA LYS D 157 8.24 -5.99 -26.56
C LYS D 157 9.26 -6.28 -27.65
N LEU D 158 9.97 -7.41 -27.55
CA LEU D 158 10.88 -7.80 -28.61
C LEU D 158 10.15 -8.16 -29.89
N LEU D 159 8.95 -8.75 -29.78
CA LEU D 159 8.18 -9.07 -30.97
C LEU D 159 7.65 -7.81 -31.64
N LYS D 160 7.17 -6.85 -30.85
CA LYS D 160 6.70 -5.59 -31.40
C LYS D 160 7.85 -4.75 -31.94
N GLN D 161 9.04 -4.88 -31.36
CA GLN D 161 10.19 -4.12 -31.83
C GLN D 161 10.62 -4.56 -33.23
N HIS D 162 10.54 -5.86 -33.51
CA HIS D 162 10.97 -6.42 -34.78
C HIS D 162 9.80 -6.79 -35.69
N HIS D 163 8.57 -6.46 -35.29
CA HIS D 163 7.38 -6.65 -36.12
C HIS D 163 7.22 -8.11 -36.57
N LEU D 164 7.29 -9.02 -35.59
CA LEU D 164 7.11 -10.44 -35.84
C LEU D 164 5.68 -10.90 -35.59
N LEU D 165 4.73 -9.97 -35.57
CA LEU D 165 3.33 -10.29 -35.34
C LEU D 165 2.39 -9.76 -36.43
N ASP D 166 2.89 -8.95 -37.36
CA ASP D 166 1.99 -8.34 -38.34
C ASP D 166 1.54 -9.34 -39.39
N ASP D 167 2.44 -10.21 -39.84
CA ASP D 167 2.11 -11.19 -40.87
C ASP D 167 1.61 -12.51 -40.31
N THR D 168 1.66 -12.71 -39.00
CA THR D 168 1.16 -13.94 -38.39
C THR D 168 -0.35 -13.86 -38.20
N ASP D 169 -1.00 -15.01 -38.31
CA ASP D 169 -2.45 -15.09 -38.18
C ASP D 169 -2.90 -15.60 -36.81
N VAL D 170 -2.14 -16.49 -36.19
CA VAL D 170 -2.51 -17.08 -34.91
C VAL D 170 -1.29 -17.03 -33.99
N VAL D 171 -1.46 -16.47 -32.80
CA VAL D 171 -0.44 -16.46 -31.76
C VAL D 171 -0.91 -17.39 -30.64
N ILE D 172 -0.11 -18.43 -30.36
CA ILE D 172 -0.45 -19.43 -29.36
C ILE D 172 0.50 -19.29 -28.19
N PHE D 173 -0.05 -19.12 -26.99
CA PHE D 173 0.73 -19.06 -25.76
C PHE D 173 0.67 -20.40 -25.04
N ASP D 174 1.83 -20.86 -24.56
CA ASP D 174 1.94 -22.04 -23.73
C ASP D 174 2.26 -21.55 -22.31
N VAL D 175 1.21 -21.38 -21.50
CA VAL D 175 1.32 -20.75 -20.19
C VAL D 175 1.23 -21.81 -19.12
N LEU D 176 2.10 -21.70 -18.11
CA LEU D 176 2.07 -22.62 -16.98
C LEU D 176 0.96 -22.24 -16.01
N GLY D 177 0.14 -23.23 -15.64
CA GLY D 177 -0.97 -23.02 -14.74
C GLY D 177 -0.79 -23.51 -13.33
N ASP D 178 0.44 -23.88 -12.93
CA ASP D 178 0.68 -24.25 -11.54
C ASP D 178 0.37 -23.10 -10.59
N VAL D 179 0.58 -21.86 -11.03
CA VAL D 179 0.23 -20.67 -10.27
C VAL D 179 -0.53 -19.73 -11.20
N VAL D 180 -1.39 -18.91 -10.61
CA VAL D 180 -2.20 -17.97 -11.38
C VAL D 180 -1.95 -16.55 -10.88
N CYS D 181 -0.72 -16.28 -10.46
CA CYS D 181 -0.36 -14.95 -9.99
C CYS D 181 -0.41 -13.95 -11.14
N GLY D 182 -0.24 -12.67 -10.78
CA GLY D 182 -0.30 -11.62 -11.80
C GLY D 182 0.80 -11.73 -12.84
N GLY D 183 1.97 -12.24 -12.44
CA GLY D 183 3.09 -12.37 -13.36
C GLY D 183 2.90 -13.48 -14.39
N PHE D 184 2.69 -14.71 -13.92
CA PHE D 184 2.54 -15.83 -14.83
C PHE D 184 1.21 -15.83 -15.58
N ALA D 185 0.30 -14.91 -15.25
CA ALA D 185 -0.94 -14.73 -16.00
C ALA D 185 -0.86 -13.53 -16.94
N ALA D 186 0.33 -12.98 -17.15
CA ALA D 186 0.49 -11.87 -18.07
C ALA D 186 0.09 -12.20 -19.51
N PRO D 187 0.34 -13.41 -20.04
CA PRO D 187 -0.15 -13.71 -21.39
C PRO D 187 -1.66 -13.58 -21.54
N LEU D 188 -2.43 -13.66 -20.45
CA LEU D 188 -3.88 -13.46 -20.55
C LEU D 188 -4.23 -12.05 -20.98
N GLN D 189 -3.35 -11.08 -20.74
CA GLN D 189 -3.61 -9.71 -21.15
C GLN D 189 -3.56 -9.53 -22.67
N HIS D 190 -2.91 -10.46 -23.38
CA HIS D 190 -2.83 -10.40 -24.84
C HIS D 190 -3.69 -11.45 -25.52
N ALA D 191 -4.30 -12.36 -24.78
CA ALA D 191 -5.02 -13.48 -25.37
C ALA D 191 -6.49 -13.12 -25.60
N ASP D 192 -7.04 -13.64 -26.70
CA ASP D 192 -8.45 -13.47 -27.01
C ASP D 192 -9.29 -14.60 -26.42
N GLN D 193 -8.81 -15.83 -26.48
CA GLN D 193 -9.49 -16.98 -25.91
C GLN D 193 -8.50 -17.82 -25.12
N ALA D 194 -8.94 -18.35 -23.98
CA ALA D 194 -8.12 -19.17 -23.11
C ALA D 194 -8.60 -20.61 -23.13
N VAL D 195 -7.69 -21.53 -23.43
CA VAL D 195 -7.98 -22.96 -23.48
C VAL D 195 -7.29 -23.63 -22.31
N VAL D 196 -8.04 -24.38 -21.52
CA VAL D 196 -7.55 -25.02 -20.30
C VAL D 196 -7.20 -26.48 -20.60
N VAL D 197 -6.04 -26.91 -20.12
CA VAL D 197 -5.62 -28.31 -20.21
C VAL D 197 -5.63 -28.88 -18.80
N THR D 198 -6.43 -29.94 -18.59
CA THR D 198 -6.60 -30.53 -17.28
C THR D 198 -6.74 -32.03 -17.42
N ALA D 199 -6.96 -32.69 -16.29
CA ALA D 199 -7.15 -34.13 -16.24
C ALA D 199 -8.05 -34.46 -15.05
N ASN D 200 -8.10 -35.74 -14.68
CA ASN D 200 -8.99 -36.19 -13.62
C ASN D 200 -8.35 -36.15 -12.24
N ASP D 201 -7.05 -35.85 -12.13
CA ASP D 201 -6.41 -35.77 -10.83
C ASP D 201 -6.80 -34.46 -10.13
N PHE D 202 -6.51 -34.42 -8.83
CA PHE D 202 -6.90 -33.26 -8.02
C PHE D 202 -6.09 -32.02 -8.38
N ASP D 203 -4.79 -32.19 -8.66
CA ASP D 203 -3.96 -31.05 -9.00
C ASP D 203 -4.38 -30.41 -10.32
N SER D 204 -4.78 -31.23 -11.29
CA SER D 204 -5.19 -30.69 -12.59
C SER D 204 -6.49 -29.91 -12.47
N ILE D 205 -7.45 -30.41 -11.68
CA ILE D 205 -8.72 -29.72 -11.53
C ILE D 205 -8.53 -28.47 -10.67
N TYR D 206 -7.72 -28.56 -9.62
CA TYR D 206 -7.46 -27.40 -8.78
C TYR D 206 -6.82 -26.27 -9.57
N ALA D 207 -5.86 -26.60 -10.43
CA ALA D 207 -5.25 -25.59 -11.28
C ALA D 207 -6.24 -25.00 -12.26
N MET D 208 -7.12 -25.83 -12.82
CA MET D 208 -8.14 -25.34 -13.75
C MET D 208 -9.09 -24.38 -13.06
N ASN D 209 -9.46 -24.68 -11.81
CA ASN D 209 -10.37 -23.80 -11.07
C ASN D 209 -9.73 -22.44 -10.81
N ARG D 210 -8.43 -22.43 -10.51
CA ARG D 210 -7.74 -21.15 -10.31
C ARG D 210 -7.44 -20.45 -11.62
N ILE D 211 -7.32 -21.20 -12.72
CA ILE D 211 -7.21 -20.58 -14.04
C ILE D 211 -8.53 -19.89 -14.41
N ILE D 212 -9.66 -20.51 -14.08
CA ILE D 212 -10.96 -19.90 -14.35
C ILE D 212 -11.08 -18.57 -13.60
N ALA D 213 -10.72 -18.57 -12.31
CA ALA D 213 -10.80 -17.35 -11.53
C ALA D 213 -9.82 -16.29 -12.02
N ALA D 214 -8.68 -16.73 -12.57
CA ALA D 214 -7.70 -15.76 -13.08
C ALA D 214 -8.21 -15.08 -14.34
N VAL D 215 -8.88 -15.83 -15.22
CA VAL D 215 -9.39 -15.23 -16.44
C VAL D 215 -10.59 -14.35 -16.15
N GLN D 216 -11.43 -14.76 -15.18
CA GLN D 216 -12.56 -13.92 -14.79
C GLN D 216 -12.10 -12.61 -14.17
N ALA D 217 -10.93 -12.61 -13.54
CA ALA D 217 -10.37 -11.37 -13.00
C ALA D 217 -9.71 -10.53 -14.09
N LYS D 218 -9.16 -11.18 -15.12
CA LYS D 218 -8.56 -10.43 -16.23
C LYS D 218 -9.61 -9.90 -17.20
N SER D 219 -10.74 -10.60 -17.34
CA SER D 219 -11.79 -10.13 -18.22
C SER D 219 -12.43 -8.84 -17.73
N LYS D 220 -12.23 -8.49 -16.46
CA LYS D 220 -12.76 -7.24 -15.94
C LYS D 220 -12.09 -6.04 -16.59
N ASN D 221 -10.81 -6.17 -16.98
CA ASN D 221 -10.07 -5.08 -17.60
C ASN D 221 -9.47 -5.46 -18.95
N TYR D 222 -9.80 -6.64 -19.48
CA TYR D 222 -9.29 -7.07 -20.77
C TYR D 222 -10.37 -7.86 -21.50
N LYS D 223 -10.13 -8.10 -22.79
CA LYS D 223 -11.09 -8.76 -23.65
C LYS D 223 -10.93 -10.28 -23.68
N VAL D 224 -10.17 -10.85 -22.75
CA VAL D 224 -9.98 -12.29 -22.74
C VAL D 224 -11.24 -12.98 -22.24
N ARG D 225 -11.51 -14.17 -22.79
CA ARG D 225 -12.65 -14.96 -22.39
C ARG D 225 -12.27 -16.44 -22.43
N LEU D 226 -12.99 -17.24 -21.65
CA LEU D 226 -12.69 -18.66 -21.56
C LEU D 226 -13.37 -19.42 -22.68
N ALA D 227 -12.58 -20.23 -23.41
CA ALA D 227 -13.11 -21.06 -24.48
C ALA D 227 -13.58 -22.41 -23.97
N GLY D 228 -12.88 -22.98 -22.99
CA GLY D 228 -13.26 -24.27 -22.43
C GLY D 228 -12.03 -25.00 -21.94
N CYS D 229 -12.19 -26.31 -21.79
CA CYS D 229 -11.11 -27.17 -21.32
C CYS D 229 -11.04 -28.42 -22.19
N VAL D 230 -9.87 -29.06 -22.18
CA VAL D 230 -9.60 -30.25 -22.98
C VAL D 230 -9.08 -31.34 -22.07
N ALA D 231 -9.62 -32.55 -22.20
CA ALA D 231 -9.19 -33.69 -21.42
C ALA D 231 -8.00 -34.39 -22.09
N ASN D 232 -7.33 -35.24 -21.33
CA ASN D 232 -6.16 -35.97 -21.80
C ASN D 232 -6.43 -37.46 -21.98
N ARG D 233 -7.69 -37.88 -21.89
CA ARG D 233 -8.07 -39.29 -22.05
C ARG D 233 -7.32 -40.19 -21.08
N ASP D 238 -15.10 -38.23 -15.93
CA ASP D 238 -16.26 -37.85 -15.13
C ASP D 238 -15.90 -36.81 -14.08
N GLU D 239 -14.66 -36.87 -13.59
CA GLU D 239 -14.21 -35.88 -12.61
C GLU D 239 -14.17 -34.49 -13.22
N VAL D 240 -13.74 -34.38 -14.48
CA VAL D 240 -13.75 -33.09 -15.16
C VAL D 240 -15.17 -32.68 -15.51
N ASP D 241 -16.00 -33.65 -15.93
CA ASP D 241 -17.37 -33.34 -16.30
C ASP D 241 -18.18 -32.87 -15.09
N ARG D 242 -17.92 -33.44 -13.92
CA ARG D 242 -18.58 -32.95 -12.71
C ARG D 242 -18.13 -31.55 -12.35
N PHE D 243 -16.88 -31.20 -12.67
CA PHE D 243 -16.41 -29.84 -12.42
C PHE D 243 -17.05 -28.85 -13.38
N CYS D 244 -17.15 -29.21 -14.66
CA CYS D 244 -17.73 -28.31 -15.64
C CYS D 244 -19.22 -28.11 -15.39
N LYS D 245 -19.91 -29.16 -14.97
CA LYS D 245 -21.34 -29.03 -14.68
C LYS D 245 -21.59 -28.14 -13.47
N GLU D 246 -20.70 -28.17 -12.48
CA GLU D 246 -20.87 -27.34 -11.29
C GLU D 246 -20.39 -25.91 -11.51
N THR D 247 -19.33 -25.73 -12.30
CA THR D 247 -18.80 -24.41 -12.59
C THR D 247 -19.47 -23.74 -13.79
N ASN D 248 -20.42 -24.42 -14.43
CA ASN D 248 -20.99 -23.96 -15.70
C ASN D 248 -19.90 -23.72 -16.73
N PHE D 249 -18.88 -24.58 -16.74
CA PHE D 249 -17.81 -24.51 -17.70
C PHE D 249 -18.23 -25.26 -18.97
N ARG D 250 -17.30 -25.46 -19.89
CA ARG D 250 -17.58 -26.11 -21.16
C ARG D 250 -16.42 -27.04 -21.51
N ARG D 251 -16.64 -28.35 -21.37
CA ARG D 251 -15.65 -29.32 -21.81
C ARG D 251 -15.66 -29.38 -23.33
N LEU D 252 -14.55 -28.98 -23.95
CA LEU D 252 -14.49 -28.93 -25.40
C LEU D 252 -14.61 -30.32 -26.00
N ALA D 253 -15.47 -30.46 -27.00
CA ALA D 253 -15.73 -31.75 -27.61
C ALA D 253 -14.52 -32.31 -28.36
N HIS D 254 -13.60 -31.45 -28.77
CA HIS D 254 -12.46 -31.89 -29.55
C HIS D 254 -11.21 -32.02 -28.69
N ARG D 265 7.13 -41.87 -27.33
CA ARG D 265 7.80 -41.18 -28.41
C ARG D 265 6.95 -40.03 -28.94
N LEU D 266 5.98 -39.59 -28.13
CA LEU D 266 5.10 -38.48 -28.51
C LEU D 266 5.75 -37.12 -28.31
N LYS D 267 6.87 -37.04 -27.58
CA LYS D 267 7.55 -35.79 -27.31
C LYS D 267 8.66 -35.47 -28.31
N LYS D 268 8.63 -36.11 -29.47
CA LYS D 268 9.64 -35.89 -30.50
C LYS D 268 9.16 -35.01 -31.65
N LYS D 269 7.91 -35.17 -32.07
CA LYS D 269 7.36 -34.37 -33.16
C LYS D 269 5.85 -34.31 -33.02
N THR D 270 5.25 -33.31 -33.64
CA THR D 270 3.80 -33.17 -33.61
C THR D 270 3.15 -34.27 -34.44
N LEU D 271 1.85 -34.46 -34.22
CA LEU D 271 1.11 -35.51 -34.91
C LEU D 271 1.00 -35.26 -36.40
N PHE D 272 1.27 -34.03 -36.85
CA PHE D 272 1.23 -33.71 -38.27
C PHE D 272 2.56 -33.99 -38.97
N GLU D 273 3.66 -34.11 -38.22
CA GLU D 273 4.95 -34.44 -38.78
C GLU D 273 5.27 -35.93 -38.71
N MET D 274 4.60 -36.67 -37.86
CA MET D 274 4.82 -38.10 -37.75
C MET D 274 4.34 -38.83 -39.01
N ASP D 275 4.78 -40.08 -39.15
CA ASP D 275 4.31 -40.90 -40.25
C ASP D 275 2.84 -41.24 -40.05
N GLU D 276 2.13 -41.38 -41.17
CA GLU D 276 0.69 -41.60 -41.14
C GLU D 276 0.39 -42.97 -40.52
N ASP D 277 -0.17 -42.96 -39.32
CA ASP D 277 -0.57 -44.15 -38.59
C ASP D 277 -2.09 -44.16 -38.45
N GLN D 278 -2.62 -45.25 -37.88
CA GLN D 278 -4.07 -45.35 -37.70
C GLN D 278 -4.54 -44.41 -36.61
N ASP D 279 -3.82 -44.33 -35.49
CA ASP D 279 -4.27 -43.51 -34.37
C ASP D 279 -3.97 -42.02 -34.57
N VAL D 280 -2.94 -41.70 -35.37
CA VAL D 280 -2.58 -40.29 -35.54
C VAL D 280 -3.46 -39.58 -36.57
N LEU D 281 -4.14 -40.33 -37.44
CA LEU D 281 -5.03 -39.71 -38.42
C LEU D 281 -6.22 -39.05 -37.73
N ALA D 282 -6.88 -39.80 -36.84
CA ALA D 282 -8.00 -39.22 -36.08
C ALA D 282 -7.51 -38.19 -35.09
N ALA D 283 -6.25 -38.31 -34.62
CA ALA D 283 -5.71 -37.32 -33.71
C ALA D 283 -5.46 -35.99 -34.40
N ARG D 284 -4.95 -36.04 -35.64
CA ARG D 284 -4.78 -34.82 -36.43
C ARG D 284 -6.11 -34.11 -36.64
N ALA D 285 -7.14 -34.87 -37.02
CA ALA D 285 -8.46 -34.28 -37.24
C ALA D 285 -9.07 -33.75 -35.95
N GLU D 286 -8.69 -34.32 -34.80
CA GLU D 286 -9.21 -33.81 -33.54
C GLU D 286 -8.64 -32.43 -33.24
N TYR D 287 -7.36 -32.20 -33.59
CA TYR D 287 -6.79 -30.87 -33.44
C TYR D 287 -7.27 -29.92 -34.53
N ILE D 288 -7.52 -30.43 -35.73
CA ILE D 288 -8.08 -29.59 -36.80
C ILE D 288 -9.48 -29.12 -36.41
N ARG D 289 -10.31 -30.04 -35.91
CA ARG D 289 -11.63 -29.65 -35.42
C ARG D 289 -11.51 -28.68 -34.25
N LEU D 290 -10.50 -28.86 -33.41
CA LEU D 290 -10.25 -27.91 -32.32
C LEU D 290 -9.77 -26.57 -32.87
N ALA D 291 -8.87 -26.60 -33.86
CA ALA D 291 -8.35 -25.37 -34.42
C ALA D 291 -9.41 -24.62 -35.21
N GLU D 292 -10.21 -25.33 -36.01
CA GLU D 292 -11.25 -24.66 -36.77
C GLU D 292 -12.36 -24.12 -35.87
N SER D 293 -12.64 -24.81 -34.75
CA SER D 293 -13.67 -24.34 -33.84
C SER D 293 -13.22 -23.11 -33.07
N LEU D 294 -11.94 -23.05 -32.69
CA LEU D 294 -11.42 -21.85 -32.05
C LEU D 294 -11.38 -20.68 -33.01
N TRP D 295 -11.05 -20.93 -34.28
CA TRP D 295 -11.05 -19.87 -35.27
C TRP D 295 -12.46 -19.43 -35.61
N ARG D 296 -13.40 -20.38 -35.65
CA ARG D 296 -14.79 -20.03 -35.95
C ARG D 296 -15.38 -19.15 -34.87
N GLY D 297 -15.03 -19.40 -33.61
CA GLY D 297 -15.58 -18.63 -32.51
C GLY D 297 -16.64 -19.41 -31.74
N LEU D 298 -16.26 -19.94 -30.59
CA LEU D 298 -17.19 -20.70 -29.77
C LEU D 298 -18.22 -19.78 -29.14
N ASP D 299 -19.32 -20.38 -28.70
CA ASP D 299 -20.36 -19.63 -28.01
C ASP D 299 -19.84 -19.11 -26.68
N PRO D 300 -20.18 -17.89 -26.30
CA PRO D 300 -19.64 -17.32 -25.05
C PRO D 300 -20.18 -18.06 -23.83
N ILE D 301 -19.28 -18.37 -22.91
CA ILE D 301 -19.63 -19.03 -21.65
C ILE D 301 -19.13 -18.17 -20.50
N ASP D 302 -19.90 -18.12 -19.42
CA ASP D 302 -19.57 -17.34 -18.23
C ASP D 302 -19.49 -18.28 -17.03
N PRO D 303 -18.39 -19.01 -16.87
CA PRO D 303 -18.27 -19.93 -15.75
C PRO D 303 -17.81 -19.22 -14.48
N HIS D 304 -18.01 -19.90 -13.36
CA HIS D 304 -17.60 -19.41 -12.05
C HIS D 304 -16.60 -20.39 -11.43
N SER D 305 -15.74 -19.86 -10.58
CA SER D 305 -14.74 -20.68 -9.89
C SER D 305 -15.27 -21.11 -8.53
N LEU D 306 -15.18 -22.40 -8.25
CA LEU D 306 -15.64 -22.91 -6.96
C LEU D 306 -14.71 -22.45 -5.84
N PRO D 307 -15.25 -22.30 -4.63
CA PRO D 307 -14.37 -22.10 -3.48
C PRO D 307 -13.44 -23.30 -3.30
N ASP D 308 -12.26 -23.03 -2.75
CA ASP D 308 -11.24 -24.06 -2.64
C ASP D 308 -11.67 -25.21 -1.74
N ARG D 309 -12.60 -24.97 -0.81
CA ARG D 309 -13.04 -26.06 0.07
C ARG D 309 -13.87 -27.09 -0.68
N GLU D 310 -14.52 -26.69 -1.79
CA GLU D 310 -15.35 -27.61 -2.55
C GLU D 310 -14.56 -28.52 -3.47
N ILE D 311 -13.27 -28.27 -3.66
CA ILE D 311 -12.48 -29.10 -4.56
C ILE D 311 -11.80 -30.25 -3.82
N PHE D 312 -11.42 -30.06 -2.55
CA PHE D 312 -10.78 -31.13 -1.80
C PHE D 312 -11.72 -32.31 -1.59
N GLU D 313 -13.02 -32.09 -1.61
CA GLU D 313 -13.99 -33.15 -1.40
C GLU D 313 -14.35 -33.84 -2.70
FE1 SF4 E . -6.57 33.62 12.52
FE2 SF4 E . -5.77 34.99 14.75
FE3 SF4 E . -5.01 35.86 12.27
FE4 SF4 E . -3.95 33.56 13.31
S1 SF4 E . -3.69 35.67 14.13
S2 SF4 E . -4.74 33.87 11.19
S3 SF4 E . -5.74 32.73 14.46
S4 SF4 E . -7.13 35.76 13.09
CL CL F . -11.89 7.39 33.95
FE1 SF4 G . 6.50 -14.52 -8.84
FE2 SF4 G . 3.91 -14.17 -9.67
FE3 SF4 G . 5.81 -12.31 -10.30
FE4 SF4 G . 4.96 -12.56 -7.71
S1 SF4 G . 3.70 -11.91 -9.51
S2 SF4 G . 7.11 -12.36 -8.44
S3 SF4 G . 4.62 -14.82 -7.59
S4 SF4 G . 5.74 -14.48 -11.00
CL CL H . -8.44 -34.47 13.97
#